data_6L88
#
_entry.id   6L88
#
_cell.length_a   160.888
_cell.length_b   160.888
_cell.length_c   160.888
_cell.angle_alpha   90.000
_cell.angle_beta   90.000
_cell.angle_gamma   90.000
#
_symmetry.space_group_name_H-M   'P 21 3'
#
loop_
_entity.id
_entity.type
_entity.pdbx_description
1 polymer 'Mineralocorticoid receptor'
2 non-polymer 1-(2-hydroxyethyl)-4-methyl-N-(4-methylsulfonylphenyl)-5-[2-(trifluoromethyl)phenyl]pyrrole-3-carboxamide
#
_entity_poly.entity_id   1
_entity_poly.type   'polypeptide(L)'
_entity_poly.pdbx_seq_one_letter_code
;GTPSPVMVLENIEPEIVYAGYDSSKPDTAENLLSTLNRLAGKQMIQVVKWAKVLPGFKNLPLEDQITLIQYSWMSLSSFA
LSWRSYKHTNSQFLYFAPDLVFNEEKMHQSAMYELCQGMHQISLQFVRLQLTFEEYTIMKVLLLLSTIPKDGLKSQAAFE
EMRTNYIKELRKMVTKSPNNSGQSWQRFYQLTKLLDSMHDLVSDLLEFCFYTFRESHALKVEFPAMLVEIISDQLPKVES
GNAKPLYFHRK
;
_entity_poly.pdbx_strand_id   A,B,C,D
#
# COMPACT_ATOMS: atom_id res chain seq x y z
N GLU A 30 16.41 14.32 -45.17
CA GLU A 30 15.08 13.91 -44.63
C GLU A 30 14.97 12.37 -44.56
N ASN A 31 15.45 11.67 -45.59
CA ASN A 31 15.27 10.21 -45.84
C ASN A 31 16.04 9.36 -44.81
N LEU A 32 17.27 9.76 -44.45
CA LEU A 32 18.22 8.98 -43.60
C LEU A 32 17.57 8.59 -42.26
N LEU A 33 17.20 9.58 -41.43
CA LEU A 33 16.76 9.39 -40.02
C LEU A 33 15.47 8.56 -39.95
N SER A 34 14.65 8.56 -41.01
CA SER A 34 13.41 7.75 -41.14
C SER A 34 13.75 6.26 -41.19
N THR A 35 14.69 5.88 -42.06
CA THR A 35 15.07 4.46 -42.35
C THR A 35 15.62 3.77 -41.09
N LEU A 36 16.52 4.43 -40.36
CA LEU A 36 17.12 3.91 -39.10
C LEU A 36 16.03 3.68 -38.04
N ASN A 37 15.03 4.57 -37.96
CA ASN A 37 13.85 4.45 -37.05
C ASN A 37 12.90 3.36 -37.58
N ARG A 38 13.05 2.94 -38.84
CA ARG A 38 12.28 1.81 -39.45
C ARG A 38 13.09 0.52 -39.39
N LEU A 39 14.42 0.57 -39.37
CA LEU A 39 15.27 -0.62 -39.13
C LEU A 39 15.20 -0.94 -37.64
N ALA A 40 15.36 0.07 -36.79
CA ALA A 40 15.11 -0.03 -35.33
C ALA A 40 13.81 -0.82 -35.06
N GLY A 41 12.74 -0.54 -35.81
CA GLY A 41 11.44 -1.19 -35.63
C GLY A 41 11.44 -2.63 -36.12
N LYS A 42 12.10 -2.92 -37.24
CA LYS A 42 12.21 -4.28 -37.82
C LYS A 42 12.87 -5.18 -36.78
N GLN A 43 13.90 -4.67 -36.09
CA GLN A 43 14.73 -5.44 -35.14
C GLN A 43 13.97 -5.59 -33.79
N MET A 44 13.48 -4.48 -33.23
CA MET A 44 12.69 -4.46 -31.98
C MET A 44 11.72 -5.65 -31.94
N ILE A 45 11.10 -6.00 -33.09
CA ILE A 45 10.16 -7.17 -33.21
C ILE A 45 10.96 -8.49 -33.19
N GLN A 46 12.15 -8.52 -33.77
CA GLN A 46 12.99 -9.75 -33.87
C GLN A 46 13.70 -10.01 -32.54
N VAL A 47 13.93 -8.97 -31.74
CA VAL A 47 14.44 -9.10 -30.33
C VAL A 47 13.36 -9.82 -29.51
N VAL A 48 12.14 -9.28 -29.50
CA VAL A 48 10.97 -9.90 -28.79
C VAL A 48 11.00 -11.41 -29.03
N LYS A 49 11.05 -11.83 -30.30
CA LYS A 49 10.88 -13.26 -30.68
C LYS A 49 12.06 -14.05 -30.06
N TRP A 50 13.22 -13.42 -29.98
CA TRP A 50 14.48 -14.02 -29.45
C TRP A 50 14.40 -14.12 -27.93
N ALA A 51 14.04 -13.03 -27.30
CA ALA A 51 13.85 -12.98 -25.83
C ALA A 51 12.84 -14.04 -25.40
N LYS A 52 11.76 -14.22 -26.16
CA LYS A 52 10.64 -15.09 -25.75
C LYS A 52 11.04 -16.58 -25.84
N VAL A 53 12.28 -16.92 -26.17
CA VAL A 53 12.75 -18.32 -26.05
C VAL A 53 13.75 -18.43 -24.91
N LEU A 54 14.47 -17.35 -24.62
CA LEU A 54 15.33 -17.27 -23.40
C LEU A 54 14.58 -17.97 -22.27
N PRO A 55 15.17 -18.96 -21.56
CA PRO A 55 14.53 -19.51 -20.36
C PRO A 55 14.11 -18.46 -19.31
N GLY A 56 12.84 -18.56 -18.90
CA GLY A 56 12.25 -17.85 -17.75
C GLY A 56 11.90 -16.42 -18.05
N PHE A 57 11.86 -16.05 -19.33
CA PHE A 57 11.45 -14.68 -19.75
C PHE A 57 9.91 -14.57 -19.77
N LYS A 58 9.24 -15.33 -20.61
CA LYS A 58 7.77 -15.26 -20.77
C LYS A 58 7.11 -15.80 -19.49
N ASN A 59 7.95 -16.35 -18.59
CA ASN A 59 7.57 -16.72 -17.20
C ASN A 59 7.65 -15.49 -16.28
N LEU A 60 8.36 -14.45 -16.67
CA LEU A 60 8.25 -13.15 -15.96
C LEU A 60 6.84 -12.61 -16.14
N PRO A 61 6.36 -11.74 -15.22
CA PRO A 61 5.31 -10.78 -15.54
C PRO A 61 5.43 -10.10 -16.90
N LEU A 62 4.28 -9.87 -17.53
CA LEU A 62 4.20 -9.30 -18.90
C LEU A 62 4.54 -7.81 -18.83
N GLU A 63 4.14 -7.11 -17.77
CA GLU A 63 4.61 -5.73 -17.47
C GLU A 63 6.13 -5.66 -17.58
N ASP A 64 6.82 -6.61 -16.96
CA ASP A 64 8.31 -6.65 -16.85
C ASP A 64 8.97 -6.97 -18.19
N GLN A 65 8.49 -8.01 -18.91
CA GLN A 65 9.00 -8.36 -20.26
C GLN A 65 9.15 -7.03 -21.02
N ILE A 66 8.06 -6.27 -21.14
CA ILE A 66 7.95 -4.96 -21.83
C ILE A 66 9.03 -4.01 -21.27
N THR A 67 8.96 -3.67 -19.99
CA THR A 67 9.92 -2.75 -19.31
C THR A 67 11.38 -3.13 -19.60
N LEU A 68 11.70 -4.42 -19.51
CA LEU A 68 13.08 -4.91 -19.65
C LEU A 68 13.58 -4.70 -21.07
N ILE A 69 12.73 -4.99 -22.09
CA ILE A 69 13.05 -4.79 -23.53
C ILE A 69 13.21 -3.29 -23.79
N GLN A 70 12.27 -2.48 -23.28
CA GLN A 70 12.29 -0.99 -23.38
C GLN A 70 13.63 -0.44 -22.84
N TYR A 71 13.87 -0.60 -21.55
CA TYR A 71 15.01 0.01 -20.81
C TYR A 71 16.35 -0.44 -21.42
N SER A 72 16.44 -1.71 -21.87
CA SER A 72 17.71 -2.31 -22.37
C SER A 72 18.05 -1.78 -23.77
N TRP A 73 17.03 -1.59 -24.61
CA TRP A 73 17.05 -1.39 -26.10
C TRP A 73 18.31 -0.69 -26.63
N MET A 74 18.82 0.34 -25.96
CA MET A 74 19.94 1.14 -26.49
C MET A 74 21.27 0.41 -26.18
N SER A 75 21.46 -0.10 -24.94
CA SER A 75 22.50 -1.10 -24.60
C SER A 75 22.42 -2.28 -25.57
N LEU A 76 21.22 -2.82 -25.76
CA LEU A 76 21.03 -4.02 -26.60
C LEU A 76 21.42 -3.72 -28.06
N SER A 77 20.91 -2.63 -28.65
CA SER A 77 21.17 -2.23 -30.07
C SER A 77 22.68 -2.02 -30.29
N SER A 78 23.31 -1.18 -29.46
CA SER A 78 24.77 -0.85 -29.52
C SER A 78 25.60 -2.13 -29.64
N PHE A 79 25.34 -3.11 -28.76
CA PHE A 79 26.05 -4.42 -28.74
C PHE A 79 25.83 -5.10 -30.08
N ALA A 80 24.55 -5.27 -30.47
CA ALA A 80 24.10 -5.99 -31.69
C ALA A 80 24.74 -5.36 -32.93
N LEU A 81 24.69 -4.03 -33.02
CA LEU A 81 25.29 -3.28 -34.15
C LEU A 81 26.81 -3.55 -34.16
N SER A 82 27.53 -3.20 -33.08
CA SER A 82 28.98 -3.51 -32.91
C SER A 82 29.29 -4.97 -33.25
N TRP A 83 28.38 -5.90 -32.98
CA TRP A 83 28.59 -7.34 -33.24
C TRP A 83 28.60 -7.59 -34.75
N ARG A 84 27.61 -7.06 -35.47
CA ARG A 84 27.47 -7.30 -36.92
C ARG A 84 28.59 -6.57 -37.67
N SER A 85 29.09 -5.44 -37.16
CA SER A 85 30.39 -4.83 -37.57
C SER A 85 31.47 -5.90 -37.58
N TYR A 86 31.75 -6.48 -36.41
CA TYR A 86 32.87 -7.43 -36.13
C TYR A 86 32.70 -8.73 -36.92
N LYS A 87 31.46 -9.16 -37.16
CA LYS A 87 31.18 -10.44 -37.87
C LYS A 87 31.23 -10.23 -39.38
N HIS A 88 30.46 -9.26 -39.92
CA HIS A 88 30.17 -9.11 -41.39
C HIS A 88 31.34 -8.45 -42.15
N THR A 89 31.80 -7.28 -41.71
CA THR A 89 32.80 -6.44 -42.44
C THR A 89 34.14 -6.37 -41.68
N ASN A 90 34.33 -7.22 -40.66
CA ASN A 90 35.52 -7.26 -39.76
C ASN A 90 35.79 -5.85 -39.21
N SER A 91 34.79 -5.24 -38.57
CA SER A 91 34.85 -4.00 -37.75
C SER A 91 35.24 -2.78 -38.59
N GLN A 92 34.79 -2.70 -39.85
CA GLN A 92 35.09 -1.57 -40.77
C GLN A 92 33.96 -0.54 -40.77
N PHE A 93 32.81 -0.95 -41.29
CA PHE A 93 31.59 -0.10 -41.38
C PHE A 93 30.63 -0.72 -40.39
N LEU A 94 29.77 0.09 -39.80
CA LEU A 94 28.68 -0.45 -38.95
C LEU A 94 27.67 -1.08 -39.92
N TYR A 95 27.75 -2.39 -40.18
CA TYR A 95 26.80 -3.11 -41.08
C TYR A 95 25.42 -3.06 -40.43
N PHE A 96 24.64 -2.02 -40.73
CA PHE A 96 23.27 -1.76 -40.20
C PHE A 96 22.33 -2.87 -40.68
N ALA A 97 22.45 -3.26 -41.93
CA ALA A 97 21.80 -4.46 -42.50
C ALA A 97 22.54 -4.88 -43.77
N PRO A 98 22.12 -5.97 -44.45
CA PRO A 98 22.55 -6.22 -45.82
C PRO A 98 21.89 -5.17 -46.75
N ASP A 99 20.71 -4.67 -46.34
CA ASP A 99 19.96 -3.58 -47.04
C ASP A 99 20.50 -2.20 -46.63
N LEU A 100 21.66 -2.14 -45.96
CA LEU A 100 22.46 -0.90 -45.74
C LEU A 100 23.85 -1.31 -45.23
N VAL A 101 24.83 -1.39 -46.16
CA VAL A 101 26.25 -1.75 -45.84
C VAL A 101 26.96 -0.48 -45.37
N MET A 112 25.84 12.64 -35.37
CA MET A 112 25.47 11.18 -35.27
C MET A 112 26.76 10.34 -35.15
N TYR A 113 27.95 10.95 -35.36
CA TYR A 113 29.29 10.29 -35.39
C TYR A 113 29.99 10.44 -34.03
N GLU A 114 29.52 11.34 -33.16
CA GLU A 114 29.85 11.36 -31.71
C GLU A 114 29.53 9.98 -31.14
N LEU A 115 28.41 9.43 -31.62
CA LEU A 115 27.55 8.42 -30.97
C LEU A 115 27.82 7.05 -31.59
N CYS A 116 27.95 7.00 -32.93
CA CYS A 116 28.37 5.82 -33.72
C CYS A 116 29.84 5.47 -33.44
N GLN A 117 30.67 6.43 -33.02
CA GLN A 117 32.12 6.22 -32.81
C GLN A 117 32.29 5.15 -31.73
N GLY A 118 31.55 5.30 -30.63
CA GLY A 118 31.44 4.30 -29.55
C GLY A 118 31.31 2.88 -30.07
N MET A 119 30.25 2.58 -30.84
CA MET A 119 29.91 1.23 -31.36
C MET A 119 31.14 0.66 -32.12
N HIS A 120 31.58 1.40 -33.14
CA HIS A 120 32.78 1.08 -33.96
C HIS A 120 33.94 0.73 -33.02
N GLN A 121 34.09 1.46 -31.91
CA GLN A 121 35.18 1.31 -30.90
C GLN A 121 35.03 -0.05 -30.22
N ILE A 122 33.79 -0.39 -29.85
CA ILE A 122 33.45 -1.69 -29.21
C ILE A 122 33.71 -2.81 -30.22
N SER A 123 33.18 -2.71 -31.43
CA SER A 123 33.38 -3.73 -32.50
C SER A 123 34.88 -4.07 -32.62
N LEU A 124 35.78 -3.10 -32.41
CA LEU A 124 37.25 -3.29 -32.43
C LEU A 124 37.66 -4.12 -31.20
N GLN A 125 37.09 -3.79 -30.03
CA GLN A 125 37.29 -4.54 -28.77
C GLN A 125 36.95 -6.03 -29.01
N PHE A 126 35.90 -6.29 -29.79
CA PHE A 126 35.39 -7.65 -30.11
C PHE A 126 36.49 -8.47 -30.76
N VAL A 127 37.26 -7.85 -31.66
CA VAL A 127 38.39 -8.49 -32.39
C VAL A 127 39.50 -8.77 -31.36
N ARG A 128 39.81 -7.79 -30.51
CA ARG A 128 40.83 -7.93 -29.44
C ARG A 128 40.55 -9.21 -28.64
N LEU A 129 39.27 -9.49 -28.34
CA LEU A 129 38.82 -10.60 -27.46
C LEU A 129 38.51 -11.84 -28.29
N GLN A 130 38.42 -11.68 -29.61
CA GLN A 130 37.93 -12.73 -30.55
C GLN A 130 36.67 -13.34 -29.95
N LEU A 131 35.72 -12.47 -29.58
CA LEU A 131 34.42 -12.80 -28.93
C LEU A 131 33.72 -13.96 -29.66
N THR A 132 33.25 -14.95 -28.91
CA THR A 132 32.50 -16.13 -29.44
C THR A 132 31.07 -15.66 -29.69
N PHE A 133 30.24 -16.46 -30.38
CA PHE A 133 28.79 -16.19 -30.55
C PHE A 133 28.09 -16.36 -29.19
N GLU A 134 28.31 -17.52 -28.57
CA GLU A 134 27.95 -17.85 -27.16
C GLU A 134 28.11 -16.60 -26.28
N GLU A 135 29.32 -16.04 -26.23
CA GLU A 135 29.62 -14.88 -25.37
C GLU A 135 28.75 -13.68 -25.77
N TYR A 136 28.49 -13.52 -27.07
CA TYR A 136 27.60 -12.44 -27.56
C TYR A 136 26.23 -12.78 -26.96
N THR A 137 25.66 -13.93 -27.32
CA THR A 137 24.23 -14.21 -27.04
C THR A 137 24.02 -14.07 -25.53
N ILE A 138 24.91 -14.61 -24.71
CA ILE A 138 24.82 -14.48 -23.21
C ILE A 138 24.95 -13.03 -22.76
N MET A 139 25.99 -12.34 -23.21
CA MET A 139 26.19 -10.92 -22.88
C MET A 139 24.96 -10.14 -23.35
N LYS A 140 24.38 -10.47 -24.50
CA LYS A 140 23.14 -9.79 -24.99
C LYS A 140 22.08 -9.96 -23.88
N VAL A 141 21.74 -11.20 -23.51
CA VAL A 141 20.75 -11.52 -22.43
C VAL A 141 21.10 -10.66 -21.21
N LEU A 142 22.35 -10.69 -20.74
CA LEU A 142 22.76 -9.92 -19.54
C LEU A 142 22.43 -8.44 -19.69
N LEU A 143 22.65 -7.83 -20.87
CA LEU A 143 22.28 -6.41 -21.17
C LEU A 143 20.75 -6.21 -21.06
N LEU A 144 19.97 -7.12 -21.67
CA LEU A 144 18.48 -7.20 -21.57
C LEU A 144 18.07 -7.15 -20.10
N LEU A 145 18.86 -7.76 -19.22
CA LEU A 145 18.60 -7.79 -17.76
C LEU A 145 19.54 -6.83 -17.02
N SER A 146 20.12 -5.83 -17.69
CA SER A 146 21.15 -4.97 -17.07
C SER A 146 20.58 -3.57 -16.77
N THR A 147 19.43 -3.23 -17.37
CA THR A 147 18.75 -1.92 -17.19
C THR A 147 17.31 -2.15 -16.69
N ILE A 148 17.03 -1.63 -15.49
CA ILE A 148 15.70 -1.68 -14.79
C ILE A 148 15.34 -0.28 -14.27
N PRO A 149 14.06 -0.01 -13.98
CA PRO A 149 13.68 1.24 -13.34
C PRO A 149 14.08 1.27 -11.86
N LYS A 150 14.46 2.44 -11.32
CA LYS A 150 14.95 2.60 -9.92
C LYS A 150 13.84 2.23 -8.91
N ASP A 151 12.59 2.22 -9.38
CA ASP A 151 11.39 1.77 -8.63
C ASP A 151 11.53 0.28 -8.32
N GLY A 152 12.06 -0.49 -9.29
CA GLY A 152 12.05 -1.95 -9.31
C GLY A 152 10.95 -2.48 -10.22
N LEU A 153 10.93 -3.77 -10.50
CA LEU A 153 9.96 -4.41 -11.40
C LEU A 153 8.80 -4.97 -10.57
N LYS A 154 7.68 -5.32 -11.22
CA LYS A 154 6.54 -6.06 -10.60
C LYS A 154 7.05 -7.19 -9.70
N SER A 155 7.99 -8.04 -10.18
CA SER A 155 8.56 -9.21 -9.46
C SER A 155 10.09 -9.12 -9.37
N GLN A 156 10.62 -8.14 -8.64
CA GLN A 156 12.09 -7.96 -8.47
C GLN A 156 12.73 -9.31 -8.15
N ALA A 157 12.13 -10.07 -7.24
CA ALA A 157 12.59 -11.41 -6.82
C ALA A 157 12.83 -12.30 -8.04
N ALA A 158 11.80 -12.48 -8.89
CA ALA A 158 11.84 -13.31 -10.11
C ALA A 158 12.96 -12.81 -11.01
N PHE A 159 12.99 -11.50 -11.27
CA PHE A 159 14.01 -10.86 -12.15
C PHE A 159 15.40 -11.18 -11.64
N GLU A 160 15.66 -10.93 -10.34
CA GLU A 160 16.99 -11.09 -9.68
C GLU A 160 17.48 -12.54 -9.79
N GLU A 161 16.57 -13.51 -9.79
CA GLU A 161 16.92 -14.94 -9.95
C GLU A 161 17.35 -15.15 -11.41
N MET A 162 16.55 -14.69 -12.37
CA MET A 162 16.83 -14.72 -13.84
C MET A 162 18.24 -14.15 -14.10
N ARG A 163 18.51 -12.92 -13.65
CA ARG A 163 19.79 -12.23 -13.93
C ARG A 163 20.86 -13.14 -13.35
N THR A 164 20.74 -13.43 -12.06
CA THR A 164 21.73 -14.30 -11.37
C THR A 164 21.92 -15.56 -12.21
N ASN A 165 20.85 -16.30 -12.52
CA ASN A 165 20.90 -17.50 -13.38
C ASN A 165 21.86 -17.25 -14.55
N TYR A 166 21.71 -16.14 -15.27
CA TYR A 166 22.49 -15.85 -16.52
C TYR A 166 23.94 -15.44 -16.17
N ILE A 167 24.13 -14.50 -15.24
CA ILE A 167 25.47 -14.20 -14.71
C ILE A 167 26.24 -15.50 -14.38
N LYS A 168 25.55 -16.54 -13.90
CA LYS A 168 26.17 -17.84 -13.60
C LYS A 168 26.56 -18.52 -14.92
N GLU A 169 25.67 -18.53 -15.92
CA GLU A 169 25.95 -19.12 -17.25
C GLU A 169 27.29 -18.55 -17.74
N LEU A 170 27.46 -17.22 -17.68
CA LEU A 170 28.72 -16.55 -18.12
C LEU A 170 29.88 -17.22 -17.35
N ARG A 171 29.81 -17.12 -16.03
CA ARG A 171 30.83 -17.64 -15.10
C ARG A 171 31.30 -19.04 -15.46
N LYS A 172 30.36 -19.94 -15.73
CA LYS A 172 30.55 -21.35 -16.16
C LYS A 172 31.13 -21.36 -17.58
N MET A 173 30.59 -20.52 -18.45
CA MET A 173 30.90 -20.45 -19.90
C MET A 173 32.31 -19.90 -20.16
N VAL A 174 32.97 -19.26 -19.18
CA VAL A 174 34.36 -18.76 -19.31
C VAL A 174 35.25 -19.56 -18.37
N THR A 175 34.76 -20.66 -17.80
CA THR A 175 35.64 -21.73 -17.29
C THR A 175 35.59 -22.84 -18.35
N LYS A 176 35.59 -22.44 -19.62
CA LYS A 176 35.63 -23.35 -20.78
C LYS A 176 36.09 -22.67 -22.09
N SER A 177 36.04 -21.33 -22.24
CA SER A 177 36.40 -20.64 -23.53
C SER A 177 37.34 -19.44 -23.32
N PRO A 178 38.17 -19.41 -22.25
CA PRO A 178 39.03 -18.26 -21.99
C PRO A 178 40.23 -18.11 -22.94
N ASN A 179 41.18 -17.22 -22.56
CA ASN A 179 42.63 -17.21 -22.93
C ASN A 179 43.38 -16.05 -22.24
N GLY A 182 46.30 -17.53 -19.74
CA GLY A 182 45.02 -17.25 -20.43
C GLY A 182 43.85 -17.80 -19.64
N GLN A 183 43.72 -17.36 -18.39
CA GLN A 183 42.89 -18.04 -17.37
C GLN A 183 41.45 -17.54 -17.46
N SER A 184 40.55 -18.22 -16.74
CA SER A 184 39.07 -17.98 -16.72
C SER A 184 38.77 -16.62 -16.08
N TRP A 185 39.31 -16.36 -14.90
CA TRP A 185 39.01 -15.15 -14.11
C TRP A 185 39.30 -13.92 -14.98
N GLN A 186 40.33 -13.99 -15.80
CA GLN A 186 40.71 -12.87 -16.69
C GLN A 186 39.53 -12.68 -17.64
N ARG A 187 39.09 -13.71 -18.32
CA ARG A 187 38.14 -13.50 -19.45
C ARG A 187 36.84 -12.88 -18.92
N PHE A 188 36.54 -13.19 -17.67
CA PHE A 188 35.31 -12.74 -16.98
C PHE A 188 35.45 -11.22 -16.79
N TYR A 189 36.54 -10.79 -16.15
CA TYR A 189 36.85 -9.37 -15.86
C TYR A 189 36.61 -8.53 -17.12
N GLN A 190 37.02 -9.03 -18.28
CA GLN A 190 36.94 -8.29 -19.56
C GLN A 190 35.49 -8.24 -20.06
N LEU A 191 34.85 -9.40 -20.27
CA LEU A 191 33.45 -9.52 -20.78
C LEU A 191 32.51 -8.70 -19.89
N THR A 192 32.74 -8.70 -18.56
CA THR A 192 31.91 -7.95 -17.56
C THR A 192 32.15 -6.46 -17.74
N LYS A 193 33.42 -6.04 -17.70
CA LYS A 193 33.81 -4.62 -17.84
C LYS A 193 33.32 -4.11 -19.19
N LEU A 194 33.27 -4.96 -20.22
CA LEU A 194 32.74 -4.60 -21.55
C LEU A 194 31.23 -4.31 -21.47
N LEU A 195 30.47 -5.15 -20.78
CA LEU A 195 28.99 -4.99 -20.59
C LEU A 195 28.75 -3.69 -19.83
N ASP A 196 29.64 -3.31 -18.90
CA ASP A 196 29.55 -2.04 -18.14
C ASP A 196 29.75 -0.87 -19.11
N SER A 197 30.92 -0.80 -19.73
CA SER A 197 31.23 0.25 -20.73
C SER A 197 30.08 0.37 -21.74
N MET A 198 29.33 -0.69 -22.03
CA MET A 198 28.16 -0.61 -22.97
C MET A 198 27.11 0.37 -22.42
N HIS A 199 26.99 0.51 -21.08
CA HIS A 199 26.04 1.45 -20.42
C HIS A 199 26.62 2.85 -20.52
N ASP A 200 27.93 2.99 -20.28
CA ASP A 200 28.67 4.28 -20.35
C ASP A 200 28.51 4.89 -21.76
N LEU A 201 28.75 4.10 -22.82
CA LEU A 201 28.63 4.49 -24.26
C LEU A 201 27.28 5.18 -24.48
N VAL A 202 26.22 4.62 -23.93
CA VAL A 202 24.82 5.07 -24.19
C VAL A 202 24.35 5.94 -23.01
N SER A 203 25.27 6.33 -22.12
CA SER A 203 25.03 6.91 -20.76
C SER A 203 24.02 8.06 -20.80
N ASP A 204 24.17 8.98 -21.76
CA ASP A 204 23.51 10.29 -21.72
C ASP A 204 22.45 10.40 -22.82
N LEU A 205 22.20 9.29 -23.54
CA LEU A 205 21.43 9.21 -24.81
C LEU A 205 20.12 8.43 -24.57
N LEU A 206 19.73 8.22 -23.30
CA LEU A 206 18.50 7.46 -22.93
C LEU A 206 17.31 8.43 -22.91
N GLU A 207 17.50 9.62 -22.34
CA GLU A 207 16.54 10.76 -22.42
C GLU A 207 16.25 11.07 -23.90
N PHE A 208 17.32 11.18 -24.71
CA PHE A 208 17.29 11.54 -26.16
C PHE A 208 16.56 10.44 -26.95
N CYS A 209 16.40 9.25 -26.38
CA CYS A 209 15.57 8.15 -26.94
C CYS A 209 14.12 8.31 -26.50
N PHE A 210 13.90 8.45 -25.17
CA PHE A 210 12.59 8.65 -24.50
C PHE A 210 11.85 9.83 -25.16
N TYR A 211 12.50 11.00 -25.13
CA TYR A 211 12.00 12.30 -25.66
C TYR A 211 12.57 12.52 -27.06
N PRO A 224 5.90 0.62 -31.47
CA PRO A 224 5.46 0.68 -30.07
C PRO A 224 4.19 -0.16 -29.88
N ALA A 225 3.03 0.30 -30.38
CA ALA A 225 1.81 -0.51 -30.53
C ALA A 225 2.12 -1.73 -31.38
N MET A 226 3.25 -1.69 -32.10
CA MET A 226 3.74 -2.80 -32.97
C MET A 226 4.14 -3.99 -32.07
N LEU A 227 5.19 -3.82 -31.26
CA LEU A 227 5.83 -4.89 -30.45
C LEU A 227 4.86 -5.42 -29.40
N VAL A 228 4.17 -4.52 -28.68
CA VAL A 228 3.20 -4.87 -27.59
C VAL A 228 2.30 -6.00 -28.13
N GLU A 229 1.96 -5.97 -29.43
CA GLU A 229 1.17 -7.01 -30.15
C GLU A 229 1.93 -8.33 -30.17
N ILE A 230 3.24 -8.33 -30.43
CA ILE A 230 4.02 -9.60 -30.64
C ILE A 230 4.43 -10.20 -29.29
N ILE A 231 4.68 -9.37 -28.27
CA ILE A 231 5.08 -9.86 -26.92
C ILE A 231 3.91 -10.64 -26.32
N SER A 232 2.76 -9.98 -26.16
CA SER A 232 1.56 -10.57 -25.52
C SER A 232 0.98 -11.65 -26.45
N ASP A 233 1.24 -11.58 -27.75
CA ASP A 233 0.75 -12.50 -28.83
C ASP A 233 0.55 -13.94 -28.32
N GLN A 234 1.62 -14.59 -27.87
CA GLN A 234 1.61 -16.04 -27.58
C GLN A 234 1.15 -16.32 -26.16
N LEU A 235 1.26 -15.32 -25.27
CA LEU A 235 1.09 -15.47 -23.80
C LEU A 235 -0.37 -15.40 -23.33
N PRO A 236 -1.36 -14.80 -24.06
CA PRO A 236 -2.70 -14.52 -23.53
C PRO A 236 -3.70 -15.67 -23.51
N LYS A 237 -3.57 -16.65 -24.41
CA LYS A 237 -4.39 -17.87 -24.29
C LYS A 237 -5.85 -17.54 -24.59
N VAL A 238 -6.18 -17.19 -25.84
CA VAL A 238 -7.59 -17.11 -26.34
C VAL A 238 -8.15 -18.53 -26.28
N GLY A 241 -15.41 -21.16 -28.00
CA GLY A 241 -15.31 -22.64 -27.99
C GLY A 241 -14.84 -23.21 -26.66
N ASN A 242 -13.63 -22.87 -26.21
CA ASN A 242 -13.03 -23.33 -24.92
C ASN A 242 -13.78 -22.72 -23.72
N ALA A 243 -14.46 -21.59 -23.91
CA ALA A 243 -14.95 -20.67 -22.86
C ALA A 243 -15.81 -21.41 -21.83
N LYS A 244 -15.51 -21.25 -20.54
CA LYS A 244 -16.35 -21.70 -19.40
C LYS A 244 -17.06 -20.49 -18.79
N PRO A 245 -18.38 -20.34 -19.00
CA PRO A 245 -19.17 -19.31 -18.33
C PRO A 245 -19.54 -19.79 -16.93
N LEU A 246 -19.65 -18.86 -15.99
CA LEU A 246 -19.85 -19.15 -14.55
C LEU A 246 -21.29 -18.82 -14.17
N TYR A 247 -22.04 -19.86 -13.80
CA TYR A 247 -23.49 -19.82 -13.49
C TYR A 247 -23.71 -19.78 -11.99
N PHE A 248 -24.77 -19.09 -11.58
CA PHE A 248 -25.18 -18.97 -10.16
C PHE A 248 -26.09 -20.15 -9.80
N HIS A 249 -26.77 -20.76 -10.81
CA HIS A 249 -27.74 -21.88 -10.62
C HIS A 249 -27.48 -22.99 -11.65
N ARG A 250 -27.25 -24.23 -11.21
CA ARG A 250 -27.11 -25.41 -12.10
C ARG A 250 -28.39 -26.25 -12.02
N GLU B 30 -7.29 20.47 55.75
CA GLU B 30 -7.51 20.69 54.28
C GLU B 30 -6.19 20.55 53.50
N ASN B 31 -5.10 21.13 54.03
CA ASN B 31 -3.79 21.30 53.34
C ASN B 31 -3.08 19.95 53.12
N LEU B 32 -3.17 19.02 54.09
CA LEU B 32 -2.43 17.73 54.11
C LEU B 32 -2.72 16.90 52.84
N LEU B 33 -3.97 16.51 52.62
CA LEU B 33 -4.38 15.54 51.56
C LEU B 33 -4.07 16.08 50.15
N SER B 34 -4.03 17.41 49.97
CA SER B 34 -3.65 18.08 48.69
C SER B 34 -2.19 17.78 48.35
N THR B 35 -1.28 17.99 49.30
CA THR B 35 0.21 17.90 49.11
C THR B 35 0.61 16.48 48.68
N LEU B 36 0.07 15.44 49.33
CA LEU B 36 0.37 14.00 49.02
C LEU B 36 -0.12 13.66 47.61
N ASN B 37 -1.27 14.23 47.19
CA ASN B 37 -1.80 14.08 45.81
C ASN B 37 -0.95 14.91 44.83
N ARG B 38 -0.16 15.88 45.32
CA ARG B 38 0.77 16.70 44.48
C ARG B 38 2.18 16.09 44.50
N LEU B 39 2.55 15.36 45.56
CA LEU B 39 3.83 14.60 45.59
C LEU B 39 3.67 13.34 44.73
N ALA B 40 2.55 12.63 44.90
CA ALA B 40 2.09 11.52 44.02
C ALA B 40 2.29 11.90 42.54
N GLY B 41 1.93 13.12 42.16
CA GLY B 41 2.04 13.63 40.79
C GLY B 41 3.48 13.91 40.37
N LYS B 42 4.29 14.50 41.25
CA LYS B 42 5.72 14.82 40.99
C LYS B 42 6.44 13.51 40.66
N GLN B 43 6.11 12.44 41.39
CA GLN B 43 6.74 11.10 41.28
C GLN B 43 6.19 10.39 40.04
N MET B 44 4.87 10.27 39.90
CA MET B 44 4.19 9.60 38.75
C MET B 44 4.88 10.02 37.44
N ILE B 45 5.40 11.25 37.32
CA ILE B 45 6.16 11.74 36.13
C ILE B 45 7.60 11.18 36.15
N GLN B 46 8.20 11.02 37.33
CA GLN B 46 9.61 10.53 37.45
C GLN B 46 9.67 9.01 37.29
N VAL B 47 8.57 8.30 37.57
CA VAL B 47 8.39 6.83 37.29
C VAL B 47 8.44 6.64 35.78
N VAL B 48 7.55 7.33 35.05
CA VAL B 48 7.54 7.33 33.56
C VAL B 48 8.98 7.40 33.05
N LYS B 49 9.76 8.39 33.49
CA LYS B 49 11.09 8.68 32.89
C LYS B 49 11.98 7.45 33.15
N TRP B 50 11.81 6.82 34.32
CA TRP B 50 12.57 5.63 34.80
C TRP B 50 12.19 4.38 34.01
N ALA B 51 10.89 4.09 33.91
CA ALA B 51 10.29 2.98 33.13
C ALA B 51 10.74 3.08 31.65
N LYS B 52 10.79 4.28 31.09
CA LYS B 52 11.09 4.49 29.65
C LYS B 52 12.59 4.24 29.37
N VAL B 53 13.40 3.79 30.32
CA VAL B 53 14.77 3.28 30.02
C VAL B 53 14.81 1.76 30.25
N LEU B 54 14.00 1.22 31.16
CA LEU B 54 13.83 -0.24 31.33
C LEU B 54 13.85 -0.86 29.94
N PRO B 55 14.70 -1.89 29.68
CA PRO B 55 14.65 -2.57 28.39
C PRO B 55 13.24 -3.06 28.05
N GLY B 56 12.78 -2.76 26.83
CA GLY B 56 11.61 -3.40 26.18
C GLY B 56 10.28 -2.84 26.67
N PHE B 57 10.31 -1.74 27.40
CA PHE B 57 9.09 -1.03 27.85
C PHE B 57 8.56 -0.21 26.68
N LYS B 58 9.30 0.81 26.22
CA LYS B 58 8.79 1.74 25.19
C LYS B 58 8.61 0.96 23.88
N ASN B 59 9.11 -0.28 23.88
CA ASN B 59 8.89 -1.29 22.80
C ASN B 59 7.53 -1.97 22.98
N LEU B 60 6.93 -1.89 24.17
CA LEU B 60 5.53 -2.33 24.36
C LEU B 60 4.63 -1.35 23.64
N PRO B 61 3.44 -1.79 23.19
CA PRO B 61 2.32 -0.90 22.88
C PRO B 61 2.16 0.25 23.89
N LEU B 62 1.76 1.42 23.38
CA LEU B 62 1.66 2.67 24.17
C LEU B 62 0.43 2.63 25.07
N GLU B 63 -0.66 2.07 24.59
CA GLU B 63 -1.83 1.67 25.43
C GLU B 63 -1.29 0.95 26.69
N ASP B 64 -0.47 -0.08 26.51
CA ASP B 64 0.05 -0.96 27.60
C ASP B 64 0.93 -0.17 28.56
N GLN B 65 1.90 0.60 28.05
CA GLN B 65 2.82 1.41 28.88
C GLN B 65 1.95 2.09 29.93
N ILE B 66 0.95 2.83 29.44
CA ILE B 66 -0.04 3.57 30.29
C ILE B 66 -0.69 2.63 31.31
N THR B 67 -1.44 1.62 30.84
CA THR B 67 -2.14 0.62 31.69
C THR B 67 -1.20 0.08 32.78
N LEU B 68 0.01 -0.31 32.42
CA LEU B 68 0.95 -0.97 33.34
C LEU B 68 1.36 0.00 34.44
N ILE B 69 1.62 1.27 34.11
CA ILE B 69 1.98 2.32 35.10
C ILE B 69 0.79 2.59 36.03
N GLN B 70 -0.39 2.77 35.43
CA GLN B 70 -1.67 2.96 36.15
C GLN B 70 -1.86 1.83 37.17
N TYR B 71 -2.03 0.59 36.71
CA TYR B 71 -2.44 -0.58 37.52
C TYR B 71 -1.40 -0.80 38.65
N SER B 72 -0.11 -0.64 38.37
CA SER B 72 1.00 -0.95 39.32
C SER B 72 1.08 0.12 40.41
N TRP B 73 0.81 1.39 40.06
CA TRP B 73 1.08 2.63 40.84
C TRP B 73 1.05 2.46 42.37
N MET B 74 0.06 1.74 42.90
CA MET B 74 -0.12 1.66 44.37
C MET B 74 0.90 0.67 44.93
N SER B 75 1.01 -0.54 44.35
CA SER B 75 2.13 -1.50 44.57
C SER B 75 3.46 -0.73 44.43
N LEU B 76 3.60 0.01 43.36
CA LEU B 76 4.87 0.70 43.03
C LEU B 76 5.19 1.73 44.13
N SER B 77 4.23 2.59 44.47
CA SER B 77 4.40 3.67 45.47
C SER B 77 4.75 3.07 46.83
N SER B 78 3.95 2.11 47.30
CA SER B 78 4.13 1.42 48.60
C SER B 78 5.59 1.00 48.78
N PHE B 79 6.13 0.29 47.79
CA PHE B 79 7.51 -0.23 47.76
C PHE B 79 8.50 0.94 47.83
N ALA B 80 8.32 1.91 46.94
CA ALA B 80 9.18 3.12 46.83
C ALA B 80 9.19 3.87 48.16
N LEU B 81 8.02 4.09 48.77
CA LEU B 81 7.90 4.82 50.06
C LEU B 81 8.66 4.03 51.14
N SER B 82 8.28 2.76 51.35
CA SER B 82 8.97 1.83 52.29
C SER B 82 10.48 1.82 52.05
N TRP B 83 10.93 1.94 50.80
CA TRP B 83 12.37 1.90 50.45
C TRP B 83 13.05 3.13 51.03
N ARG B 84 12.46 4.33 50.83
CA ARG B 84 13.07 5.62 51.25
C ARG B 84 13.04 5.72 52.78
N SER B 85 12.03 5.10 53.42
CA SER B 85 12.00 4.82 54.89
C SER B 85 13.32 4.15 55.29
N TYR B 86 13.58 2.98 54.74
CA TYR B 86 14.70 2.07 55.08
C TYR B 86 16.05 2.74 54.75
N LYS B 87 16.11 3.53 53.68
CA LYS B 87 17.37 4.15 53.20
C LYS B 87 17.67 5.42 54.04
N HIS B 88 16.72 6.37 54.09
CA HIS B 88 16.95 7.77 54.56
C HIS B 88 16.97 7.86 56.09
N THR B 89 15.95 7.35 56.77
CA THR B 89 15.74 7.52 58.24
C THR B 89 15.89 6.18 58.98
N ASN B 90 16.36 5.13 58.30
CA ASN B 90 16.51 3.74 58.82
C ASN B 90 15.16 3.26 59.42
N SER B 91 14.11 3.29 58.60
CA SER B 91 12.77 2.67 58.80
C SER B 91 12.05 3.30 60.00
N GLN B 92 12.24 4.60 60.23
CA GLN B 92 11.59 5.39 61.32
C GLN B 92 10.34 6.08 60.76
N TYR B 113 -3.56 5.80 58.90
CA TYR B 113 -2.52 5.06 59.67
C TYR B 113 -2.86 3.56 59.71
N GLU B 114 -4.09 3.17 59.35
CA GLU B 114 -4.44 1.78 58.96
C GLU B 114 -3.51 1.33 57.84
N LEU B 115 -3.23 2.29 56.95
CA LEU B 115 -2.78 2.09 55.55
C LEU B 115 -1.26 2.34 55.47
N CYS B 116 -0.78 3.40 56.14
CA CYS B 116 0.67 3.74 56.31
C CYS B 116 1.40 2.70 57.16
N GLN B 117 0.67 1.96 58.02
CA GLN B 117 1.26 0.98 58.96
C GLN B 117 1.92 -0.12 58.15
N GLY B 118 1.21 -0.63 57.15
CA GLY B 118 1.73 -1.58 56.14
C GLY B 118 3.12 -1.22 55.67
N MET B 119 3.28 -0.02 55.05
CA MET B 119 4.55 0.47 54.44
C MET B 119 5.68 0.40 55.49
N HIS B 120 5.47 1.09 56.62
CA HIS B 120 6.40 1.11 57.77
C HIS B 120 6.80 -0.32 58.12
N GLN B 121 5.86 -1.27 58.05
CA GLN B 121 6.03 -2.72 58.38
C GLN B 121 6.98 -3.37 57.37
N ILE B 122 6.77 -3.08 56.07
CA ILE B 122 7.63 -3.57 54.94
C ILE B 122 9.04 -2.96 55.10
N SER B 123 9.15 -1.63 55.33
CA SER B 123 10.44 -0.92 55.51
C SER B 123 11.29 -1.62 56.58
N LEU B 124 10.64 -2.23 57.58
CA LEU B 124 11.29 -3.04 58.64
C LEU B 124 11.78 -4.39 58.07
N GLN B 125 10.95 -5.04 57.26
CA GLN B 125 11.32 -6.27 56.49
C GLN B 125 12.59 -6.02 55.68
N PHE B 126 12.70 -4.83 55.05
CA PHE B 126 13.86 -4.41 54.24
C PHE B 126 15.15 -4.53 55.06
N VAL B 127 15.11 -4.07 56.32
CA VAL B 127 16.28 -4.10 57.24
C VAL B 127 16.59 -5.58 57.52
N ARG B 128 15.55 -6.38 57.80
CA ARG B 128 15.68 -7.84 58.06
C ARG B 128 16.48 -8.51 56.92
N LEU B 129 16.24 -8.10 55.68
CA LEU B 129 16.84 -8.73 54.47
C LEU B 129 18.13 -7.98 54.09
N GLN B 130 18.35 -6.80 54.66
CA GLN B 130 19.39 -5.86 54.19
C GLN B 130 19.31 -5.80 52.66
N LEU B 131 18.12 -5.47 52.14
CA LEU B 131 17.79 -5.36 50.69
C LEU B 131 18.84 -4.50 49.97
N THR B 132 19.33 -4.96 48.82
CA THR B 132 20.29 -4.20 47.97
C THR B 132 19.50 -3.20 47.15
N PHE B 133 20.15 -2.25 46.49
CA PHE B 133 19.47 -1.31 45.55
C PHE B 133 18.97 -2.09 44.34
N GLU B 134 19.88 -2.88 43.75
CA GLU B 134 19.62 -3.87 42.68
C GLU B 134 18.27 -4.54 42.96
N GLU B 135 18.14 -5.15 44.14
CA GLU B 135 16.93 -5.96 44.51
C GLU B 135 15.70 -5.06 44.57
N TYR B 136 15.84 -3.81 45.00
CA TYR B 136 14.74 -2.82 44.97
C TYR B 136 14.40 -2.55 43.49
N THR B 137 15.36 -2.08 42.70
CA THR B 137 15.06 -1.60 41.32
C THR B 137 14.37 -2.76 40.59
N ILE B 138 14.93 -3.97 40.65
CA ILE B 138 14.36 -5.16 39.93
C ILE B 138 12.96 -5.43 40.45
N MET B 139 12.83 -5.60 41.75
CA MET B 139 11.52 -5.84 42.38
C MET B 139 10.57 -4.68 42.01
N LYS B 140 11.07 -3.45 41.92
CA LYS B 140 10.20 -2.34 41.47
C LYS B 140 9.67 -2.72 40.09
N VAL B 141 10.56 -2.99 39.11
CA VAL B 141 10.20 -3.37 37.72
C VAL B 141 9.12 -4.45 37.81
N LEU B 142 9.39 -5.53 38.53
CA LEU B 142 8.49 -6.71 38.65
C LEU B 142 7.10 -6.24 39.10
N LEU B 143 7.03 -5.30 40.07
CA LEU B 143 5.74 -4.74 40.55
C LEU B 143 5.05 -4.04 39.39
N LEU B 144 5.81 -3.21 38.67
CA LEU B 144 5.36 -2.51 37.44
C LEU B 144 4.70 -3.52 36.49
N LEU B 145 5.22 -4.76 36.43
CA LEU B 145 4.71 -5.85 35.54
C LEU B 145 4.01 -6.93 36.36
N SER B 146 3.49 -6.62 37.56
N SER B 146 3.49 -6.59 37.55
CA SER B 146 2.79 -7.61 38.43
CA SER B 146 2.83 -7.50 38.52
C SER B 146 1.32 -7.23 38.64
C SER B 146 1.32 -7.25 38.59
N THR B 147 0.81 -6.16 37.99
CA THR B 147 -0.64 -5.83 37.95
C THR B 147 -1.04 -5.50 36.51
N ILE B 148 -2.01 -6.27 35.99
CA ILE B 148 -2.62 -6.15 34.62
C ILE B 148 -4.13 -6.25 34.73
N PRO B 149 -4.90 -5.86 33.69
CA PRO B 149 -6.35 -6.03 33.69
C PRO B 149 -6.71 -7.48 33.36
N LYS B 150 -7.76 -8.03 33.97
CA LYS B 150 -8.16 -9.47 33.80
C LYS B 150 -8.44 -9.75 32.32
N ASP B 151 -8.76 -8.69 31.56
CA ASP B 151 -9.01 -8.72 30.09
C ASP B 151 -7.73 -9.18 29.39
N GLY B 152 -6.58 -8.73 29.89
CA GLY B 152 -5.25 -8.84 29.26
C GLY B 152 -4.86 -7.52 28.62
N LEU B 153 -3.62 -7.43 28.14
CA LEU B 153 -3.08 -6.22 27.48
C LEU B 153 -3.20 -6.37 25.96
N LYS B 154 -3.06 -5.27 25.21
CA LYS B 154 -2.98 -5.27 23.72
C LYS B 154 -2.05 -6.41 23.24
N SER B 155 -0.87 -6.56 23.84
CA SER B 155 0.15 -7.58 23.44
C SER B 155 0.55 -8.41 24.66
N GLN B 156 -0.39 -9.22 25.17
CA GLN B 156 -0.14 -10.15 26.30
C GLN B 156 1.19 -10.84 26.04
N ALA B 157 1.38 -11.35 24.82
CA ALA B 157 2.60 -12.09 24.38
C ALA B 157 3.85 -11.28 24.72
N ALA B 158 3.93 -10.03 24.24
CA ALA B 158 5.07 -9.13 24.48
C ALA B 158 5.26 -8.96 25.99
N PHE B 159 4.19 -8.66 26.69
CA PHE B 159 4.22 -8.36 28.14
C PHE B 159 4.83 -9.55 28.87
N GLU B 160 4.29 -10.74 28.59
CA GLU B 160 4.64 -11.99 29.28
C GLU B 160 6.13 -12.29 29.09
N GLU B 161 6.70 -11.92 27.95
CA GLU B 161 8.14 -12.14 27.67
C GLU B 161 8.95 -11.15 28.53
N MET B 162 8.55 -9.89 28.54
CA MET B 162 9.12 -8.83 29.40
C MET B 162 9.12 -9.32 30.86
N ARG B 163 7.97 -9.70 31.40
CA ARG B 163 7.86 -10.09 32.83
C ARG B 163 8.85 -11.21 33.06
N THR B 164 8.68 -12.28 32.30
CA THR B 164 9.57 -13.46 32.33
C THR B 164 11.03 -12.96 32.30
N ASN B 165 11.43 -12.19 31.28
CA ASN B 165 12.78 -11.59 31.18
C ASN B 165 13.25 -11.11 32.56
N TYR B 166 12.42 -10.33 33.25
CA TYR B 166 12.79 -9.68 34.53
C TYR B 166 12.82 -10.72 35.64
N ILE B 167 11.75 -11.50 35.79
CA ILE B 167 11.73 -12.65 36.75
C ILE B 167 13.04 -13.43 36.65
N LYS B 168 13.60 -13.58 35.44
CA LYS B 168 14.88 -14.30 35.22
C LYS B 168 16.01 -13.46 35.83
N GLU B 169 16.03 -12.14 35.58
CA GLU B 169 17.05 -11.21 36.15
C GLU B 169 17.11 -11.41 37.67
N LEU B 170 15.97 -11.49 38.34
CA LEU B 170 15.92 -11.71 39.80
C LEU B 170 16.66 -13.01 40.11
N ARG B 171 16.19 -14.09 39.47
CA ARG B 171 16.69 -15.48 39.59
C ARG B 171 18.22 -15.56 39.51
N LYS B 172 18.81 -14.93 38.48
CA LYS B 172 20.27 -14.81 38.21
C LYS B 172 20.91 -13.91 39.27
N MET B 173 20.21 -12.84 39.66
CA MET B 173 20.69 -11.78 40.58
C MET B 173 20.73 -12.25 42.04
N VAL B 174 20.08 -13.37 42.36
CA VAL B 174 20.10 -13.98 43.73
C VAL B 174 20.83 -15.31 43.68
N THR B 175 21.51 -15.63 42.57
CA THR B 175 22.58 -16.66 42.56
C THR B 175 23.90 -15.87 42.56
N LYS B 176 23.92 -14.75 43.28
CA LYS B 176 25.09 -13.85 43.41
C LYS B 176 25.03 -12.97 44.67
N SER B 177 23.85 -12.69 45.26
CA SER B 177 23.72 -11.71 46.37
C SER B 177 22.89 -12.23 47.56
N PRO B 178 22.75 -13.57 47.71
CA PRO B 178 21.95 -14.15 48.79
C PRO B 178 22.57 -13.97 50.21
N ASN B 179 21.99 -14.71 51.18
CA ASN B 179 22.60 -15.19 52.46
C ASN B 179 21.64 -16.17 53.18
N GLN B 183 21.63 -19.57 51.31
CA GLN B 183 21.66 -20.06 49.91
C GLN B 183 20.74 -19.20 49.03
N SER B 184 20.86 -19.38 47.70
CA SER B 184 20.17 -18.63 46.63
C SER B 184 18.66 -18.85 46.67
N TRP B 185 18.23 -20.11 46.72
CA TRP B 185 16.79 -20.49 46.70
C TRP B 185 16.05 -19.86 47.88
N GLN B 186 16.74 -19.68 49.01
CA GLN B 186 16.14 -18.99 50.18
C GLN B 186 15.87 -17.54 49.80
N ARG B 187 16.88 -16.83 49.29
CA ARG B 187 16.74 -15.37 49.09
C ARG B 187 15.57 -15.10 48.16
N PHE B 188 15.41 -15.99 47.17
CA PHE B 188 14.39 -15.90 46.09
C PHE B 188 13.00 -16.00 46.72
N TYR B 189 12.78 -17.05 47.51
CA TYR B 189 11.52 -17.30 48.27
C TYR B 189 11.07 -16.01 48.99
N GLN B 190 12.00 -15.30 49.62
CA GLN B 190 11.70 -14.12 50.48
C GLN B 190 11.35 -12.90 49.62
N LEU B 191 12.22 -12.56 48.68
CA LEU B 191 12.02 -11.41 47.78
C LEU B 191 10.69 -11.57 47.03
N THR B 192 10.39 -12.77 46.55
CA THR B 192 9.14 -13.11 45.80
C THR B 192 7.93 -12.94 46.72
N LYS B 193 7.94 -13.61 47.87
CA LYS B 193 6.82 -13.56 48.84
C LYS B 193 6.62 -12.11 49.31
N LEU B 194 7.69 -11.31 49.38
CA LEU B 194 7.65 -9.86 49.73
C LEU B 194 6.84 -9.12 48.66
N LEU B 195 7.14 -9.36 47.37
CA LEU B 195 6.45 -8.71 46.21
C LEU B 195 4.97 -9.05 46.24
N ASP B 196 4.62 -10.27 46.64
CA ASP B 196 3.22 -10.74 46.77
C ASP B 196 2.55 -9.92 47.88
N SER B 197 3.08 -10.01 49.11
CA SER B 197 2.59 -9.23 50.28
C SER B 197 2.41 -7.75 49.90
N MET B 198 3.20 -7.23 48.95
CA MET B 198 3.04 -5.83 48.46
C MET B 198 1.65 -5.65 47.85
N HIS B 199 1.10 -6.69 47.20
CA HIS B 199 -0.27 -6.65 46.58
C HIS B 199 -1.31 -6.75 47.70
N ASP B 200 -1.08 -7.61 48.70
CA ASP B 200 -1.98 -7.80 49.87
C ASP B 200 -2.12 -6.48 50.63
N LEU B 201 -1.00 -5.80 50.92
CA LEU B 201 -0.94 -4.50 51.64
C LEU B 201 -1.93 -3.51 51.01
N VAL B 202 -1.98 -3.49 49.68
CA VAL B 202 -2.76 -2.49 48.90
C VAL B 202 -4.06 -3.14 48.41
N SER B 203 -4.39 -4.34 48.92
CA SER B 203 -5.40 -5.31 48.38
C SER B 203 -6.74 -4.63 48.12
N ASP B 204 -7.19 -3.79 49.06
CA ASP B 204 -8.60 -3.33 49.11
C ASP B 204 -8.70 -1.83 48.87
N LEU B 205 -7.58 -1.21 48.48
CA LEU B 205 -7.38 0.26 48.40
C LEU B 205 -7.22 0.69 46.92
N LEU B 206 -7.50 -0.21 45.96
CA LEU B 206 -7.36 0.03 44.50
C LEU B 206 -8.62 0.73 43.96
N GLU B 207 -9.81 0.28 44.38
CA GLU B 207 -11.11 0.99 44.16
C GLU B 207 -11.00 2.40 44.75
N PHE B 208 -10.49 2.51 45.98
CA PHE B 208 -10.36 3.77 46.76
C PHE B 208 -9.34 4.71 46.09
N CYS B 209 -8.54 4.21 45.16
CA CYS B 209 -7.67 5.04 44.28
C CYS B 209 -8.43 5.44 43.00
N PHE B 210 -9.03 4.45 42.32
CA PHE B 210 -9.87 4.65 41.12
C PHE B 210 -10.88 5.76 41.41
N PRO B 224 -2.75 13.27 35.39
CA PRO B 224 -3.38 12.33 34.46
C PRO B 224 -3.11 12.74 33.02
N ALA B 225 -3.73 13.83 32.55
CA ALA B 225 -3.35 14.54 31.30
C ALA B 225 -1.88 14.97 31.41
N MET B 226 -1.35 15.01 32.64
CA MET B 226 0.08 15.36 32.90
C MET B 226 0.98 14.28 32.29
N LEU B 227 0.94 13.06 32.84
CA LEU B 227 1.89 11.95 32.52
C LEU B 227 1.70 11.53 31.05
N VAL B 228 0.45 11.39 30.59
CA VAL B 228 0.11 10.95 29.19
C VAL B 228 0.98 11.76 28.22
N GLU B 229 1.27 13.03 28.57
CA GLU B 229 2.16 13.96 27.82
C GLU B 229 3.61 13.42 27.83
N ILE B 230 4.13 12.99 28.97
CA ILE B 230 5.57 12.62 29.11
C ILE B 230 5.83 11.20 28.57
N ILE B 231 4.84 10.30 28.68
CA ILE B 231 4.95 8.90 28.17
C ILE B 231 5.08 8.93 26.65
N SER B 232 4.05 9.46 25.96
CA SER B 232 4.00 9.53 24.47
C SER B 232 5.04 10.56 23.96
N ASP B 233 5.46 11.52 24.80
CA ASP B 233 6.47 12.58 24.49
C ASP B 233 7.50 12.14 23.44
N GLN B 234 8.30 11.12 23.75
CA GLN B 234 9.51 10.72 22.98
C GLN B 234 9.13 9.77 21.84
N LEU B 235 8.07 8.98 22.04
CA LEU B 235 7.69 7.83 21.18
C LEU B 235 6.93 8.21 19.90
N PRO B 236 6.36 9.44 19.70
CA PRO B 236 5.51 9.72 18.53
C PRO B 236 6.22 10.13 17.24
N LYS B 237 7.43 10.68 17.30
CA LYS B 237 8.22 10.93 16.08
C LYS B 237 7.55 12.02 15.23
N VAL B 238 7.58 13.28 15.66
CA VAL B 238 7.15 14.44 14.81
C VAL B 238 8.12 14.59 13.63
N GLY B 241 8.71 19.59 7.74
CA GLY B 241 10.04 19.38 7.14
C GLY B 241 10.27 17.96 6.64
N ASN B 242 10.22 16.96 7.53
CA ASN B 242 10.44 15.52 7.23
C ASN B 242 9.26 14.94 6.43
N ALA B 243 8.10 15.59 6.48
CA ALA B 243 6.81 15.08 5.98
C ALA B 243 6.89 14.62 4.51
N LYS B 244 6.43 13.40 4.23
CA LYS B 244 6.23 12.84 2.86
C LYS B 244 4.75 12.80 2.54
N PRO B 245 4.24 13.70 1.69
CA PRO B 245 2.85 13.64 1.23
C PRO B 245 2.76 12.58 0.13
N LEU B 246 1.60 11.94 0.01
CA LEU B 246 1.35 10.80 -0.92
C LEU B 246 0.46 11.26 -2.07
N TYR B 247 1.03 11.27 -3.27
CA TYR B 247 0.40 11.80 -4.51
C TYR B 247 -0.15 10.63 -5.32
N PHE B 248 -1.26 10.88 -6.01
CA PHE B 248 -1.94 9.94 -6.94
C PHE B 248 -1.29 10.03 -8.33
N HIS B 249 -0.67 11.16 -8.69
CA HIS B 249 -0.04 11.41 -10.02
C HIS B 249 1.36 12.04 -9.83
N ARG B 250 2.40 11.41 -10.39
CA ARG B 250 3.77 11.99 -10.41
C ARG B 250 4.08 12.49 -11.84
N ALA C 29 -6.00 44.04 15.51
CA ALA C 29 -4.90 43.31 14.82
C ALA C 29 -4.53 42.06 15.62
N GLU C 30 -4.31 42.23 16.91
CA GLU C 30 -3.85 41.21 17.90
C GLU C 30 -4.88 40.08 18.00
N ASN C 31 -6.17 40.45 17.99
CA ASN C 31 -7.34 39.59 18.30
C ASN C 31 -7.53 38.51 17.22
N LEU C 32 -7.36 38.87 15.94
CA LEU C 32 -7.67 38.00 14.76
C LEU C 32 -6.95 36.65 14.86
N LEU C 33 -5.61 36.66 14.88
CA LEU C 33 -4.76 35.45 14.74
C LEU C 33 -4.98 34.50 15.93
N SER C 34 -5.41 35.01 17.10
CA SER C 34 -5.76 34.21 18.31
C SER C 34 -6.97 33.32 18.04
N THR C 35 -8.06 33.89 17.51
CA THR C 35 -9.39 33.24 17.31
C THR C 35 -9.25 32.07 16.32
N LEU C 36 -8.56 32.24 15.20
CA LEU C 36 -8.34 31.18 14.18
C LEU C 36 -7.55 30.02 14.82
N ASN C 37 -6.55 30.29 15.67
CA ASN C 37 -5.76 29.26 16.40
C ASN C 37 -6.64 28.61 17.47
N ARG C 38 -7.76 29.25 17.86
CA ARG C 38 -8.75 28.71 18.83
C ARG C 38 -9.88 27.99 18.09
N LEU C 39 -10.20 28.36 16.85
CA LEU C 39 -11.18 27.61 16.00
C LEU C 39 -10.48 26.33 15.52
N ALA C 40 -9.25 26.46 15.02
CA ALA C 40 -8.33 25.34 14.71
C ALA C 40 -8.41 24.28 15.82
N GLY C 41 -8.35 24.70 17.07
CA GLY C 41 -8.38 23.79 18.23
C GLY C 41 -9.74 23.14 18.41
N LYS C 42 -10.84 23.92 18.25
CA LYS C 42 -12.24 23.44 18.42
C LYS C 42 -12.45 22.28 17.45
N GLN C 43 -11.93 22.43 16.23
CA GLN C 43 -12.10 21.46 15.12
C GLN C 43 -11.16 20.27 15.36
N MET C 44 -9.85 20.50 15.57
CA MET C 44 -8.83 19.43 15.78
C MET C 44 -9.39 18.35 16.73
N ILE C 45 -10.21 18.73 17.71
CA ILE C 45 -10.88 17.77 18.66
C ILE C 45 -12.04 17.07 17.93
N GLN C 46 -12.80 17.79 17.09
CA GLN C 46 -14.00 17.24 16.38
C GLN C 46 -13.54 16.31 15.25
N VAL C 47 -12.35 16.53 14.68
CA VAL C 47 -11.71 15.62 13.68
C VAL C 47 -11.42 14.28 14.36
N VAL C 48 -10.70 14.30 15.48
CA VAL C 48 -10.41 13.09 16.29
C VAL C 48 -11.69 12.26 16.40
N LYS C 49 -12.79 12.88 16.83
CA LYS C 49 -14.07 12.17 17.16
C LYS C 49 -14.60 11.52 15.88
N TRP C 50 -14.41 12.18 14.74
CA TRP C 50 -14.85 11.72 13.40
C TRP C 50 -13.95 10.57 12.92
N ALA C 51 -12.64 10.76 13.00
CA ALA C 51 -11.64 9.77 12.60
C ALA C 51 -11.87 8.48 13.38
N LYS C 52 -12.17 8.59 14.66
CA LYS C 52 -12.21 7.41 15.55
C LYS C 52 -13.45 6.55 15.24
N VAL C 53 -14.30 6.90 14.28
CA VAL C 53 -15.39 6.00 13.84
C VAL C 53 -15.05 5.41 12.47
N LEU C 54 -14.26 6.12 11.66
CA LEU C 54 -13.64 5.58 10.42
C LEU C 54 -13.20 4.12 10.68
N PRO C 55 -13.70 3.11 9.91
CA PRO C 55 -13.25 1.74 10.11
C PRO C 55 -11.73 1.64 10.10
N GLY C 56 -11.19 0.96 11.11
CA GLY C 56 -9.79 0.52 11.15
C GLY C 56 -8.81 1.60 11.55
N PHE C 57 -9.29 2.73 12.04
CA PHE C 57 -8.44 3.84 12.54
C PHE C 57 -7.94 3.50 13.94
N LYS C 58 -8.85 3.38 14.92
CA LYS C 58 -8.49 3.17 16.35
C LYS C 58 -7.85 1.79 16.48
N ASN C 59 -7.97 0.97 15.40
CA ASN C 59 -7.29 -0.34 15.20
C ASN C 59 -5.84 -0.13 14.77
N LEU C 60 -5.51 1.05 14.24
CA LEU C 60 -4.09 1.44 14.03
C LEU C 60 -3.44 1.57 15.41
N PRO C 61 -2.10 1.37 15.50
CA PRO C 61 -1.30 1.95 16.55
C PRO C 61 -1.70 3.39 16.92
N LEU C 62 -1.59 3.67 18.21
CA LEU C 62 -2.02 4.97 18.77
C LEU C 62 -0.99 6.03 18.39
N GLU C 63 0.30 5.71 18.41
CA GLU C 63 1.39 6.55 17.84
C GLU C 63 0.92 7.08 16.48
N ASP C 64 0.46 6.15 15.62
CA ASP C 64 0.08 6.41 14.21
C ASP C 64 -1.15 7.30 14.14
N GLN C 65 -2.21 6.99 14.89
CA GLN C 65 -3.45 7.81 14.90
C GLN C 65 -3.00 9.26 15.01
N ILE C 66 -2.14 9.54 16.01
CA ILE C 66 -1.59 10.88 16.35
C ILE C 66 -0.83 11.49 15.15
N THR C 67 0.23 10.82 14.72
CA THR C 67 1.02 11.21 13.52
C THR C 67 0.12 11.55 12.32
N LEU C 68 -0.85 10.68 11.99
CA LEU C 68 -1.70 10.77 10.77
C LEU C 68 -2.57 12.02 10.84
N ILE C 69 -3.11 12.34 12.02
CA ILE C 69 -3.96 13.55 12.25
C ILE C 69 -3.05 14.78 12.16
N GLN C 70 -1.89 14.74 12.85
CA GLN C 70 -0.86 15.83 12.85
C GLN C 70 -0.47 16.18 11.40
N TYR C 71 0.14 15.25 10.68
CA TYR C 71 0.70 15.43 9.31
C TYR C 71 -0.39 15.90 8.33
N SER C 72 -1.62 15.36 8.40
CA SER C 72 -2.73 15.63 7.44
C SER C 72 -3.33 17.04 7.65
N TRP C 73 -3.38 17.48 8.91
CA TRP C 73 -4.14 18.66 9.44
C TRP C 73 -4.31 19.80 8.42
N MET C 74 -3.27 20.18 7.69
CA MET C 74 -3.34 21.40 6.85
C MET C 74 -4.07 21.05 5.55
N SER C 75 -3.73 19.92 4.93
CA SER C 75 -4.53 19.28 3.83
C SER C 75 -5.96 19.21 4.31
N LEU C 76 -6.15 18.60 5.48
CA LEU C 76 -7.51 18.29 6.01
C LEU C 76 -8.31 19.59 6.16
N SER C 77 -7.73 20.61 6.82
CA SER C 77 -8.40 21.90 7.15
C SER C 77 -8.77 22.62 5.85
N SER C 78 -7.80 22.76 4.93
CA SER C 78 -7.95 23.41 3.59
C SER C 78 -9.20 22.88 2.89
N PHE C 79 -9.32 21.54 2.80
CA PHE C 79 -10.46 20.80 2.18
C PHE C 79 -11.76 21.17 2.92
N ALA C 80 -11.78 20.98 4.23
CA ALA C 80 -12.94 21.22 5.12
C ALA C 80 -13.40 22.67 4.96
N LEU C 81 -12.48 23.64 5.00
CA LEU C 81 -12.79 25.10 4.90
C LEU C 81 -13.41 25.37 3.53
N SER C 82 -12.71 25.04 2.45
CA SER C 82 -13.21 25.10 1.05
C SER C 82 -14.58 24.40 0.91
N TRP C 83 -14.82 23.30 1.64
CA TRP C 83 -16.11 22.55 1.58
C TRP C 83 -17.23 23.44 2.15
N ARG C 84 -17.02 24.03 3.33
CA ARG C 84 -18.05 24.83 4.03
C ARG C 84 -18.28 26.14 3.24
N SER C 85 -17.26 26.67 2.56
CA SER C 85 -17.38 27.73 1.51
C SER C 85 -18.49 27.32 0.53
N TYR C 86 -18.30 26.18 -0.13
CA TYR C 86 -19.14 25.64 -1.25
C TYR C 86 -20.55 25.30 -0.75
N LYS C 87 -20.68 24.83 0.48
CA LYS C 87 -21.99 24.37 1.04
C LYS C 87 -22.81 25.57 1.55
N HIS C 88 -22.22 26.38 2.45
CA HIS C 88 -22.93 27.42 3.28
C HIS C 88 -23.24 28.68 2.45
N THR C 89 -22.22 29.30 1.84
CA THR C 89 -22.31 30.64 1.19
C THR C 89 -22.17 30.52 -0.34
N ASN C 90 -22.18 29.29 -0.90
CA ASN C 90 -21.98 28.96 -2.34
C ASN C 90 -20.67 29.59 -2.85
N SER C 91 -19.55 29.30 -2.16
CA SER C 91 -18.14 29.59 -2.55
C SER C 91 -17.85 31.09 -2.61
N GLN C 92 -18.46 31.86 -1.70
CA GLN C 92 -18.28 33.34 -1.63
C GLN C 92 -17.18 33.66 -0.60
N PHE C 93 -17.31 33.17 0.63
CA PHE C 93 -16.40 33.50 1.76
C PHE C 93 -15.75 32.20 2.19
N LEU C 94 -14.83 32.29 3.17
CA LEU C 94 -14.18 31.17 3.90
C LEU C 94 -14.49 31.27 5.40
N MET C 112 -2.15 36.81 4.74
CA MET C 112 -2.44 35.37 4.47
C MET C 112 -3.53 35.23 3.39
N TYR C 113 -3.72 36.23 2.53
CA TYR C 113 -4.64 36.18 1.35
C TYR C 113 -3.90 35.56 0.16
N GLU C 114 -2.57 35.44 0.27
CA GLU C 114 -1.76 34.52 -0.58
C GLU C 114 -2.36 33.11 -0.46
N LEU C 115 -2.72 32.77 0.77
CA LEU C 115 -2.83 31.41 1.32
C LEU C 115 -4.32 31.00 1.33
N CYS C 116 -5.20 31.91 1.73
CA CYS C 116 -6.68 31.77 1.67
C CYS C 116 -7.18 31.72 0.22
N GLN C 117 -6.44 32.28 -0.73
CA GLN C 117 -6.85 32.39 -2.16
C GLN C 117 -7.01 30.98 -2.71
N GLY C 118 -6.01 30.12 -2.44
CA GLY C 118 -6.05 28.67 -2.70
C GLY C 118 -7.38 28.06 -2.37
N MET C 119 -7.80 28.10 -1.09
CA MET C 119 -9.03 27.46 -0.53
C MET C 119 -10.23 27.92 -1.36
N HIS C 120 -10.41 29.23 -1.43
CA HIS C 120 -11.48 29.90 -2.22
C HIS C 120 -11.47 29.33 -3.64
N GLN C 121 -10.29 29.11 -4.22
CA GLN C 121 -10.07 28.59 -5.59
C GLN C 121 -10.62 27.16 -5.70
N ILE C 122 -10.32 26.30 -4.71
CA ILE C 122 -10.78 24.88 -4.62
C ILE C 122 -12.31 24.87 -4.43
N SER C 123 -12.85 25.68 -3.51
CA SER C 123 -14.30 25.79 -3.24
C SER C 123 -15.04 26.03 -4.56
N LEU C 124 -14.42 26.76 -5.50
CA LEU C 124 -14.96 27.02 -6.85
C LEU C 124 -14.92 25.74 -7.68
N GLN C 125 -13.80 24.99 -7.61
CA GLN C 125 -13.64 23.65 -8.23
C GLN C 125 -14.78 22.72 -7.79
N PHE C 126 -15.14 22.77 -6.50
CA PHE C 126 -16.21 21.93 -5.89
C PHE C 126 -17.48 22.13 -6.71
N VAL C 127 -17.82 23.38 -7.03
CA VAL C 127 -19.09 23.77 -7.74
C VAL C 127 -19.02 23.21 -9.16
N ARG C 128 -17.84 23.34 -9.79
CA ARG C 128 -17.55 22.78 -11.14
C ARG C 128 -17.92 21.30 -11.15
N LEU C 129 -17.58 20.55 -10.09
CA LEU C 129 -17.73 19.08 -10.01
C LEU C 129 -19.09 18.76 -9.39
N GLN C 130 -19.75 19.74 -8.78
CA GLN C 130 -20.96 19.54 -7.93
C GLN C 130 -20.67 18.37 -6.99
N LEU C 131 -19.54 18.45 -6.27
CA LEU C 131 -19.03 17.44 -5.30
C LEU C 131 -20.18 16.99 -4.38
N THR C 132 -20.31 15.67 -4.16
CA THR C 132 -21.29 15.06 -3.22
C THR C 132 -20.70 15.15 -1.80
N PHE C 133 -21.49 14.90 -0.76
CA PHE C 133 -21.02 14.80 0.64
C PHE C 133 -20.08 13.59 0.76
N GLU C 134 -20.61 12.42 0.34
CA GLU C 134 -19.87 11.14 0.15
C GLU C 134 -18.45 11.45 -0.33
N GLU C 135 -18.33 12.12 -1.48
CA GLU C 135 -17.03 12.40 -2.13
C GLU C 135 -16.19 13.28 -1.22
N TYR C 136 -16.82 14.18 -0.48
CA TYR C 136 -16.09 15.01 0.50
C TYR C 136 -15.57 14.06 1.57
N THR C 137 -16.48 13.34 2.24
CA THR C 137 -16.10 12.55 3.46
C THR C 137 -14.96 11.59 3.06
N ILE C 138 -15.13 10.85 1.95
CA ILE C 138 -14.11 9.87 1.46
C ILE C 138 -12.80 10.59 1.19
N MET C 139 -12.84 11.64 0.37
CA MET C 139 -11.66 12.45 0.02
C MET C 139 -11.04 13.02 1.30
N LYS C 140 -11.87 13.38 2.28
CA LYS C 140 -11.32 13.82 3.58
C LYS C 140 -10.49 12.68 4.14
N VAL C 141 -11.09 11.49 4.32
CA VAL C 141 -10.37 10.29 4.86
C VAL C 141 -9.04 10.18 4.11
N LEU C 142 -9.12 10.13 2.77
CA LEU C 142 -7.92 9.91 1.92
C LEU C 142 -6.87 10.95 2.26
N LEU C 143 -7.25 12.22 2.47
CA LEU C 143 -6.27 13.27 2.89
C LEU C 143 -5.67 12.93 4.25
N LEU C 144 -6.50 12.51 5.19
CA LEU C 144 -6.06 12.00 6.51
C LEU C 144 -4.95 10.97 6.29
N LEU C 145 -5.09 10.11 5.28
CA LEU C 145 -4.14 9.00 5.01
C LEU C 145 -3.21 9.37 3.86
N SER C 146 -3.14 10.65 3.52
CA SER C 146 -2.37 11.11 2.33
C SER C 146 -1.01 11.64 2.77
N THR C 147 -0.82 12.01 4.04
CA THR C 147 0.45 12.57 4.54
C THR C 147 0.98 11.66 5.64
N ILE C 148 2.23 11.20 5.49
CA ILE C 148 3.00 10.33 6.44
C ILE C 148 4.43 10.85 6.55
N PRO C 149 5.21 10.44 7.58
CA PRO C 149 6.62 10.79 7.68
C PRO C 149 7.48 9.90 6.77
N LYS C 150 8.56 10.46 6.17
CA LYS C 150 9.40 9.73 5.18
C LYS C 150 10.02 8.49 5.82
N ASP C 151 10.09 8.46 7.16
CA ASP C 151 10.59 7.34 7.99
C ASP C 151 9.63 6.14 7.85
N GLY C 152 8.34 6.43 7.69
CA GLY C 152 7.25 5.44 7.77
C GLY C 152 6.63 5.42 9.16
N LEU C 153 5.49 4.76 9.30
CA LEU C 153 4.71 4.70 10.56
C LEU C 153 5.16 3.45 11.34
N LYS C 154 4.77 3.32 12.61
CA LYS C 154 4.90 2.08 13.41
C LYS C 154 4.46 0.83 12.62
N SER C 155 3.29 0.85 11.96
CA SER C 155 2.72 -0.28 11.16
C SER C 155 2.41 0.19 9.74
N GLN C 156 3.43 0.50 8.96
CA GLN C 156 3.27 0.88 7.54
C GLN C 156 2.27 -0.10 6.93
N ALA C 157 2.46 -1.41 7.14
CA ALA C 157 1.65 -2.51 6.59
C ALA C 157 0.16 -2.24 6.83
N ALA C 158 -0.19 -2.01 8.10
CA ALA C 158 -1.57 -1.73 8.52
C ALA C 158 -2.07 -0.50 7.78
N PHE C 159 -1.30 0.57 7.83
CA PHE C 159 -1.65 1.88 7.21
C PHE C 159 -1.93 1.72 5.72
N GLU C 160 -1.02 1.04 5.03
CA GLU C 160 -1.09 0.84 3.57
C GLU C 160 -2.37 0.09 3.21
N GLU C 161 -2.82 -0.83 4.07
CA GLU C 161 -4.08 -1.59 3.82
C GLU C 161 -5.26 -0.64 3.99
N MET C 162 -5.27 0.13 5.07
CA MET C 162 -6.27 1.19 5.32
C MET C 162 -6.38 2.10 4.09
N ARG C 163 -5.29 2.71 3.67
CA ARG C 163 -5.32 3.70 2.58
C ARG C 163 -5.91 3.02 1.37
N THR C 164 -5.33 1.89 1.01
CA THR C 164 -5.79 1.04 -0.11
C THR C 164 -7.31 0.83 0.08
N ASN C 165 -7.74 0.28 1.20
CA ASN C 165 -9.19 0.07 1.50
C ASN C 165 -10.00 1.28 1.01
N TYR C 166 -9.59 2.49 1.37
CA TYR C 166 -10.36 3.73 1.14
C TYR C 166 -10.24 4.10 -0.34
N ILE C 167 -9.03 4.14 -0.88
CA ILE C 167 -8.82 4.38 -2.33
C ILE C 167 -9.80 3.52 -3.13
N LYS C 168 -10.07 2.30 -2.66
CA LYS C 168 -11.01 1.35 -3.31
C LYS C 168 -12.42 1.90 -3.14
N GLU C 169 -12.79 2.35 -1.93
CA GLU C 169 -14.12 2.96 -1.68
C GLU C 169 -14.36 4.06 -2.74
N LEU C 170 -13.37 4.94 -2.98
CA LEU C 170 -13.51 6.02 -3.98
C LEU C 170 -13.84 5.38 -5.32
N ARG C 171 -12.96 4.49 -5.74
CA ARG C 171 -13.07 3.75 -7.02
C ARG C 171 -14.50 3.23 -7.26
N LYS C 172 -15.05 2.51 -6.28
CA LYS C 172 -16.39 1.89 -6.30
C LYS C 172 -17.44 3.00 -6.31
N MET C 173 -17.18 4.08 -5.55
CA MET C 173 -18.12 5.19 -5.28
C MET C 173 -18.26 6.11 -6.51
N VAL C 174 -17.35 6.03 -7.47
CA VAL C 174 -17.43 6.81 -8.73
C VAL C 174 -17.68 5.86 -9.89
N THR C 175 -18.04 4.59 -9.64
CA THR C 175 -18.75 3.75 -10.64
C THR C 175 -20.23 3.74 -10.23
N LYS C 176 -20.69 4.86 -9.69
CA LYS C 176 -22.09 5.06 -9.24
C LYS C 176 -22.50 6.54 -9.20
N SER C 177 -21.59 7.52 -9.12
CA SER C 177 -21.95 8.96 -8.95
C SER C 177 -21.21 9.90 -9.92
N PRO C 178 -20.71 9.40 -11.07
CA PRO C 178 -19.94 10.24 -11.99
C PRO C 178 -20.73 11.35 -12.74
N ASN C 179 -20.09 11.93 -13.77
CA ASN C 179 -20.69 12.58 -14.99
C ASN C 179 -19.56 13.11 -15.90
N GLY C 182 -19.22 11.70 -19.68
CA GLY C 182 -19.42 11.81 -18.22
C GLY C 182 -19.37 10.45 -17.53
N GLN C 183 -18.29 9.68 -17.80
CA GLN C 183 -18.02 8.28 -17.38
C GLN C 183 -17.25 8.26 -16.04
N SER C 184 -17.03 7.07 -15.47
CA SER C 184 -16.44 6.80 -14.13
C SER C 184 -14.97 7.20 -14.06
N TRP C 185 -14.20 6.74 -15.03
CA TRP C 185 -12.73 6.94 -15.08
C TRP C 185 -12.41 8.44 -15.11
N GLN C 186 -13.30 9.23 -15.72
CA GLN C 186 -13.19 10.70 -15.75
C GLN C 186 -13.30 11.20 -14.31
N ARG C 187 -14.41 10.86 -13.64
CA ARG C 187 -14.71 11.46 -12.32
C ARG C 187 -13.54 11.20 -11.39
N PHE C 188 -12.93 10.00 -11.55
CA PHE C 188 -11.84 9.47 -10.69
C PHE C 188 -10.60 10.32 -10.91
N TYR C 189 -10.24 10.53 -12.18
CA TYR C 189 -9.10 11.39 -12.57
C TYR C 189 -9.21 12.74 -11.85
N GLN C 190 -10.41 13.31 -11.82
CA GLN C 190 -10.65 14.69 -11.30
C GLN C 190 -10.49 14.68 -9.78
N LEU C 191 -11.33 13.89 -9.10
CA LEU C 191 -11.34 13.80 -7.62
C LEU C 191 -9.93 13.48 -7.08
N THR C 192 -9.17 12.62 -7.78
CA THR C 192 -7.78 12.23 -7.42
C THR C 192 -6.88 13.47 -7.58
N LYS C 193 -6.88 14.06 -8.77
CA LYS C 193 -5.97 15.19 -9.11
C LYS C 193 -6.28 16.35 -8.15
N LEU C 194 -7.53 16.47 -7.73
CA LEU C 194 -7.95 17.49 -6.72
C LEU C 194 -7.24 17.21 -5.39
N LEU C 195 -7.26 15.97 -4.93
CA LEU C 195 -6.61 15.59 -3.64
C LEU C 195 -5.12 15.87 -3.71
N ASP C 196 -4.53 15.73 -4.89
CA ASP C 196 -3.10 16.03 -5.10
C ASP C 196 -2.91 17.53 -4.95
N SER C 197 -3.56 18.30 -5.80
CA SER C 197 -3.50 19.77 -5.75
C SER C 197 -3.69 20.24 -4.30
N MET C 198 -4.43 19.51 -3.46
CA MET C 198 -4.65 19.89 -2.03
C MET C 198 -3.30 19.93 -1.29
N HIS C 199 -2.34 19.10 -1.69
CA HIS C 199 -0.99 19.04 -1.08
C HIS C 199 -0.17 20.20 -1.62
N ASP C 200 -0.31 20.50 -2.91
CA ASP C 200 0.40 21.61 -3.60
C ASP C 200 0.02 22.94 -2.93
N LEU C 201 -1.28 23.19 -2.75
CA LEU C 201 -1.86 24.41 -2.11
C LEU C 201 -1.12 24.66 -0.79
N VAL C 202 -0.89 23.62 -0.01
CA VAL C 202 -0.35 23.75 1.36
C VAL C 202 1.17 23.43 1.32
N SER C 203 1.75 23.33 0.12
CA SER C 203 3.07 22.71 -0.19
C SER C 203 4.16 23.26 0.73
N ASP C 204 4.19 24.58 0.94
CA ASP C 204 5.37 25.26 1.50
C ASP C 204 5.05 25.83 2.88
N LEU C 205 3.85 25.48 3.40
CA LEU C 205 3.22 26.09 4.61
C LEU C 205 3.13 25.03 5.74
N LEU C 206 3.89 23.93 5.64
CA LEU C 206 3.93 22.85 6.66
C LEU C 206 4.99 23.19 7.73
N GLU C 207 6.16 23.67 7.31
CA GLU C 207 7.22 24.23 8.22
C GLU C 207 6.62 25.38 9.03
N PHE C 208 5.90 26.27 8.36
CA PHE C 208 5.27 27.50 8.93
C PHE C 208 4.13 27.10 9.91
N CYS C 209 3.67 25.84 9.87
CA CYS C 209 2.75 25.26 10.89
C CYS C 209 3.56 24.66 12.05
N PHE C 210 4.53 23.79 11.74
CA PHE C 210 5.49 23.16 12.68
C PHE C 210 6.01 24.25 13.64
N PRO C 224 -2.92 20.72 21.80
CA PRO C 224 -1.88 19.70 21.66
C PRO C 224 -2.01 18.64 22.76
N ALA C 225 -1.67 19.00 24.00
CA ALA C 225 -2.02 18.24 25.21
C ALA C 225 -3.54 18.07 25.26
N MET C 226 -4.26 18.93 24.51
CA MET C 226 -5.75 18.87 24.40
C MET C 226 -6.13 17.53 23.73
N LEU C 227 -5.85 17.41 22.42
CA LEU C 227 -6.34 16.30 21.57
C LEU C 227 -5.80 14.98 22.12
N VAL C 228 -4.50 14.92 22.46
CA VAL C 228 -3.83 13.67 22.92
C VAL C 228 -4.73 13.02 24.01
N GLU C 229 -5.43 13.85 24.78
CA GLU C 229 -6.43 13.43 25.81
C GLU C 229 -7.59 12.70 25.13
N ILE C 230 -8.18 13.28 24.07
CA ILE C 230 -9.45 12.77 23.45
C ILE C 230 -9.16 11.55 22.57
N ILE C 231 -7.98 11.48 21.94
CA ILE C 231 -7.59 10.32 21.06
C ILE C 231 -7.43 9.07 21.95
N SER C 232 -6.52 9.12 22.93
CA SER C 232 -6.25 7.97 23.83
C SER C 232 -7.43 7.75 24.80
N ASP C 233 -8.29 8.75 25.01
CA ASP C 233 -9.51 8.72 25.87
C ASP C 233 -10.17 7.34 25.89
N GLN C 234 -10.67 6.86 24.75
CA GLN C 234 -11.58 5.67 24.67
C GLN C 234 -10.75 4.38 24.59
N LEU C 235 -9.51 4.48 24.11
CA LEU C 235 -8.67 3.31 23.70
C LEU C 235 -7.89 2.67 24.87
N PRO C 236 -7.65 3.33 26.05
CA PRO C 236 -6.75 2.80 27.09
C PRO C 236 -7.31 1.76 28.07
N LYS C 237 -8.62 1.69 28.27
CA LYS C 237 -9.26 0.57 29.00
C LYS C 237 -8.82 0.60 30.46
N VAL C 238 -9.27 1.60 31.23
CA VAL C 238 -9.08 1.65 32.72
C VAL C 238 -9.83 0.45 33.34
N GLY C 241 -10.98 -2.01 40.63
CA GLY C 241 -12.08 -2.99 40.58
C GLY C 241 -11.79 -4.19 39.67
N ASN C 242 -11.60 -3.94 38.38
CA ASN C 242 -11.32 -4.97 37.34
C ASN C 242 -9.90 -5.55 37.51
N ALA C 243 -9.00 -4.83 38.21
CA ALA C 243 -7.54 -5.09 38.27
C ALA C 243 -7.25 -6.54 38.70
N LYS C 244 -6.40 -7.24 37.96
CA LYS C 244 -5.82 -8.58 38.31
C LYS C 244 -4.35 -8.41 38.69
N PRO C 245 -4.01 -8.49 40.00
CA PRO C 245 -2.61 -8.44 40.42
C PRO C 245 -2.00 -9.84 40.24
N LEU C 246 -0.70 -9.90 39.94
CA LEU C 246 0.05 -11.13 39.59
C LEU C 246 0.92 -11.54 40.77
N TYR C 247 0.60 -12.71 41.32
CA TYR C 247 1.19 -13.27 42.56
C TYR C 247 2.21 -14.35 42.19
N PHE C 248 3.29 -14.44 42.95
CA PHE C 248 4.37 -15.43 42.80
C PHE C 248 3.94 -16.72 43.54
N HIS C 249 3.10 -16.62 44.58
CA HIS C 249 2.66 -17.76 45.45
C HIS C 249 1.14 -17.71 45.66
N ARG C 250 0.43 -18.79 45.31
CA ARG C 250 -1.04 -18.95 45.54
C ARG C 250 -1.25 -19.95 46.68
N GLU D 30 -23.46 -3.61 -47.77
CA GLU D 30 -21.99 -3.58 -47.47
C GLU D 30 -21.70 -2.69 -46.25
N ASN D 31 -22.32 -1.51 -46.19
CA ASN D 31 -22.01 -0.41 -45.23
C ASN D 31 -22.39 -0.80 -43.79
N LEU D 32 -23.52 -1.49 -43.59
CA LEU D 32 -24.12 -1.81 -42.26
C LEU D 32 -23.09 -2.53 -41.36
N LEU D 33 -22.66 -3.74 -41.76
CA LEU D 33 -21.85 -4.67 -40.91
C LEU D 33 -20.50 -4.05 -40.54
N SER D 34 -20.00 -3.10 -41.34
CA SER D 34 -18.73 -2.35 -41.08
C SER D 34 -18.89 -1.45 -39.86
N THR D 35 -19.98 -0.66 -39.82
CA THR D 35 -20.26 0.37 -38.78
C THR D 35 -20.38 -0.27 -37.39
N LEU D 36 -21.12 -1.38 -37.26
CA LEU D 36 -21.31 -2.11 -35.97
C LEU D 36 -19.98 -2.67 -35.46
N ASN D 37 -19.10 -3.13 -36.36
CA ASN D 37 -17.72 -3.61 -36.03
C ASN D 37 -16.81 -2.41 -35.69
N ARG D 38 -17.21 -1.18 -36.07
CA ARG D 38 -16.49 0.09 -35.74
C ARG D 38 -17.07 0.72 -34.47
N LEU D 39 -18.37 0.51 -34.18
CA LEU D 39 -18.98 0.92 -32.90
C LEU D 39 -18.49 -0.05 -31.80
N ALA D 40 -18.58 -1.36 -32.06
CA ALA D 40 -17.95 -2.42 -31.23
C ALA D 40 -16.55 -1.98 -30.78
N GLY D 41 -15.75 -1.41 -31.69
CA GLY D 41 -14.37 -0.95 -31.42
C GLY D 41 -14.33 0.31 -30.58
N LYS D 42 -15.21 1.29 -30.83
CA LYS D 42 -15.27 2.56 -30.05
C LYS D 42 -15.49 2.22 -28.58
N GLN D 43 -16.39 1.25 -28.33
CA GLN D 43 -16.86 0.83 -26.98
C GLN D 43 -15.77 -0.04 -26.32
N MET D 44 -15.31 -1.11 -26.97
CA MET D 44 -14.27 -2.01 -26.42
C MET D 44 -13.15 -1.17 -25.79
N ILE D 45 -12.84 0.04 -26.31
CA ILE D 45 -11.81 0.95 -25.71
C ILE D 45 -12.38 1.63 -24.47
N GLN D 46 -13.67 1.97 -24.49
CA GLN D 46 -14.35 2.66 -23.36
C GLN D 46 -14.65 1.68 -22.22
N VAL D 47 -14.81 0.38 -22.52
CA VAL D 47 -14.90 -0.71 -21.49
C VAL D 47 -13.57 -0.77 -20.75
N VAL D 48 -12.45 -0.93 -21.47
CA VAL D 48 -11.10 -0.93 -20.85
C VAL D 48 -11.02 0.19 -19.82
N LYS D 49 -11.39 1.43 -20.20
CA LYS D 49 -11.13 2.62 -19.36
C LYS D 49 -11.96 2.49 -18.06
N TRP D 50 -13.15 1.87 -18.18
CA TRP D 50 -14.14 1.62 -17.09
C TRP D 50 -13.64 0.52 -16.16
N ALA D 51 -13.30 -0.63 -16.72
CA ALA D 51 -12.72 -1.78 -16.00
C ALA D 51 -11.48 -1.33 -15.21
N LYS D 52 -10.66 -0.46 -15.77
CA LYS D 52 -9.37 -0.07 -15.16
C LYS D 52 -9.58 0.81 -13.92
N VAL D 53 -10.80 1.16 -13.55
CA VAL D 53 -11.06 1.84 -12.25
C VAL D 53 -11.67 0.85 -11.25
N LEU D 54 -12.47 -0.13 -11.71
CA LEU D 54 -12.99 -1.28 -10.90
C LEU D 54 -11.90 -1.70 -9.91
N PRO D 55 -12.16 -1.77 -8.59
CA PRO D 55 -11.15 -2.21 -7.64
C PRO D 55 -10.58 -3.59 -7.98
N GLY D 56 -9.24 -3.68 -7.95
CA GLY D 56 -8.49 -4.95 -8.01
C GLY D 56 -8.41 -5.53 -9.41
N PHE D 57 -8.76 -4.77 -10.44
CA PHE D 57 -8.65 -5.20 -11.88
C PHE D 57 -7.20 -5.05 -12.34
N LYS D 58 -6.68 -3.81 -12.40
CA LYS D 58 -5.32 -3.55 -12.90
C LYS D 58 -4.28 -4.15 -11.93
N ASN D 59 -4.77 -4.62 -10.77
CA ASN D 59 -4.01 -5.42 -9.77
C ASN D 59 -4.01 -6.90 -10.12
N LEU D 60 -4.91 -7.36 -10.99
CA LEU D 60 -4.77 -8.67 -11.67
C LEU D 60 -3.52 -8.65 -12.56
N PRO D 61 -2.97 -9.84 -12.87
CA PRO D 61 -2.17 -10.04 -14.07
C PRO D 61 -2.69 -9.42 -15.37
N LEU D 62 -1.77 -8.89 -16.16
CA LEU D 62 -2.12 -8.16 -17.40
C LEU D 62 -2.62 -9.14 -18.46
N GLU D 63 -2.03 -10.33 -18.53
CA GLU D 63 -2.58 -11.47 -19.31
C GLU D 63 -4.08 -11.56 -19.05
N ASP D 64 -4.46 -11.61 -17.78
CA ASP D 64 -5.85 -11.87 -17.30
C ASP D 64 -6.78 -10.73 -17.66
N GLN D 65 -6.37 -9.48 -17.40
CA GLN D 65 -7.16 -8.27 -17.75
C GLN D 65 -7.69 -8.49 -19.17
N ILE D 66 -6.76 -8.69 -20.11
CA ILE D 66 -7.01 -8.97 -21.56
C ILE D 66 -8.01 -10.13 -21.71
N THR D 67 -7.65 -11.34 -21.25
CA THR D 67 -8.50 -12.56 -21.34
C THR D 67 -9.93 -12.29 -20.87
N LEU D 68 -10.05 -11.61 -19.73
CA LEU D 68 -11.36 -11.38 -19.04
C LEU D 68 -12.23 -10.44 -19.86
N ILE D 69 -11.63 -9.40 -20.47
CA ILE D 69 -12.36 -8.46 -21.36
C ILE D 69 -12.76 -9.20 -22.63
N GLN D 70 -11.82 -9.92 -23.25
CA GLN D 70 -12.05 -10.75 -24.46
C GLN D 70 -13.22 -11.71 -24.24
N TYR D 71 -13.10 -12.66 -23.30
CA TYR D 71 -14.09 -13.75 -23.07
C TYR D 71 -15.48 -13.16 -22.76
N SER D 72 -15.55 -12.07 -21.99
CA SER D 72 -16.82 -11.47 -21.49
C SER D 72 -17.56 -10.75 -22.62
N TRP D 73 -16.82 -10.07 -23.47
CA TRP D 73 -17.27 -9.05 -24.47
C TRP D 73 -18.69 -9.24 -25.00
N MET D 74 -19.11 -10.45 -25.30
CA MET D 74 -20.41 -10.69 -25.95
C MET D 74 -21.51 -10.64 -24.87
N SER D 75 -21.32 -11.32 -23.74
CA SER D 75 -22.11 -11.13 -22.50
C SER D 75 -22.13 -9.63 -22.16
N LEU D 76 -20.96 -9.01 -22.16
CA LEU D 76 -20.85 -7.60 -21.70
C LEU D 76 -21.66 -6.68 -22.62
N SER D 77 -21.49 -6.81 -23.95
CA SER D 77 -22.14 -5.99 -25.00
C SER D 77 -23.68 -6.15 -24.95
N SER D 78 -24.17 -7.39 -25.00
CA SER D 78 -25.61 -7.75 -24.93
C SER D 78 -26.29 -6.99 -23.79
N PHE D 79 -25.72 -7.07 -22.59
CA PHE D 79 -26.22 -6.37 -21.38
C PHE D 79 -26.26 -4.88 -21.68
N ALA D 80 -25.11 -4.30 -22.04
CA ALA D 80 -24.89 -2.85 -22.27
C ALA D 80 -25.90 -2.33 -23.29
N LEU D 81 -26.08 -3.09 -24.39
CA LEU D 81 -27.02 -2.74 -25.48
C LEU D 81 -28.45 -2.76 -24.92
N SER D 82 -28.94 -3.89 -24.43
CA SER D 82 -30.25 -4.02 -23.73
C SER D 82 -30.44 -2.93 -22.67
N TRP D 83 -29.38 -2.48 -22.00
CA TRP D 83 -29.48 -1.42 -20.96
C TRP D 83 -29.85 -0.11 -21.63
N ARG D 84 -29.16 0.26 -22.71
CA ARG D 84 -29.34 1.58 -23.37
C ARG D 84 -30.71 1.58 -24.09
N SER D 85 -31.20 0.41 -24.54
CA SER D 85 -32.62 0.18 -24.96
C SER D 85 -33.55 0.67 -23.86
N TYR D 86 -33.44 0.07 -22.67
CA TYR D 86 -34.31 0.29 -21.49
C TYR D 86 -34.20 1.75 -21.02
N LYS D 87 -33.01 2.36 -21.06
CA LYS D 87 -32.77 3.71 -20.53
C LYS D 87 -33.26 4.77 -21.54
N HIS D 88 -32.77 4.72 -22.79
CA HIS D 88 -32.88 5.82 -23.81
C HIS D 88 -34.26 5.86 -24.48
N THR D 89 -34.75 4.74 -25.03
CA THR D 89 -35.98 4.67 -25.87
C THR D 89 -37.07 3.84 -25.17
N ASN D 90 -36.90 3.53 -23.88
CA ASN D 90 -37.81 2.70 -23.03
C ASN D 90 -38.10 1.36 -23.75
N SER D 91 -37.03 0.64 -24.09
CA SER D 91 -37.01 -0.77 -24.57
C SER D 91 -37.72 -0.92 -25.94
N GLN D 92 -37.60 0.09 -26.81
CA GLN D 92 -38.21 0.11 -28.18
C GLN D 92 -37.20 -0.36 -29.25
N PHE D 93 -36.05 0.32 -29.42
CA PHE D 93 -35.08 0.11 -30.54
C PHE D 93 -34.05 -0.96 -30.15
N MET D 112 -29.42 -10.50 -38.41
CA MET D 112 -29.11 -10.88 -37.00
C MET D 112 -30.31 -10.52 -36.11
N TYR D 113 -31.54 -10.78 -36.59
CA TYR D 113 -32.80 -10.54 -35.83
C TYR D 113 -33.14 -11.80 -35.02
N GLU D 114 -32.55 -12.96 -35.35
CA GLU D 114 -32.50 -14.15 -34.45
C GLU D 114 -31.84 -13.74 -33.13
N LEU D 115 -30.84 -12.86 -33.26
CA LEU D 115 -29.73 -12.63 -32.31
C LEU D 115 -30.01 -11.32 -31.54
N CYS D 116 -30.47 -10.28 -32.23
CA CYS D 116 -30.94 -8.99 -31.66
C CYS D 116 -32.22 -9.17 -30.83
N GLN D 117 -33.03 -10.19 -31.14
CA GLN D 117 -34.35 -10.44 -30.48
C GLN D 117 -34.12 -10.69 -28.99
N GLY D 118 -33.13 -11.55 -28.67
CA GLY D 118 -32.62 -11.76 -27.31
C GLY D 118 -32.49 -10.47 -26.53
N MET D 119 -31.63 -9.54 -26.99
CA MET D 119 -31.28 -8.26 -26.32
C MET D 119 -32.55 -7.47 -26.00
N HIS D 120 -33.34 -7.21 -27.04
CA HIS D 120 -34.67 -6.54 -26.96
C HIS D 120 -35.51 -7.23 -25.87
N GLN D 121 -35.45 -8.56 -25.77
CA GLN D 121 -36.21 -9.42 -24.80
C GLN D 121 -35.73 -9.11 -23.38
N ILE D 122 -34.42 -9.05 -23.17
CA ILE D 122 -33.77 -8.71 -21.87
C ILE D 122 -34.13 -7.25 -21.50
N SER D 123 -33.98 -6.29 -22.41
CA SER D 123 -34.31 -4.86 -22.18
C SER D 123 -35.74 -4.75 -21.62
N LEU D 124 -36.66 -5.65 -22.03
CA LEU D 124 -38.05 -5.72 -21.51
C LEU D 124 -38.04 -6.24 -20.06
N GLN D 125 -37.24 -7.26 -19.77
CA GLN D 125 -36.99 -7.82 -18.41
C GLN D 125 -36.53 -6.69 -17.47
N PHE D 126 -35.67 -5.79 -17.96
CA PHE D 126 -35.12 -4.63 -17.22
C PHE D 126 -36.25 -3.74 -16.69
N VAL D 127 -37.30 -3.56 -17.50
CA VAL D 127 -38.48 -2.74 -17.15
C VAL D 127 -39.28 -3.48 -16.07
N ARG D 128 -39.43 -4.80 -16.25
CA ARG D 128 -40.12 -5.70 -15.29
C ARG D 128 -39.51 -5.55 -13.90
N LEU D 129 -38.18 -5.42 -13.83
CA LEU D 129 -37.39 -5.35 -12.56
C LEU D 129 -37.17 -3.88 -12.14
N GLN D 130 -37.44 -2.93 -13.05
CA GLN D 130 -37.07 -1.51 -12.88
C GLN D 130 -35.64 -1.46 -12.38
N LEU D 131 -34.75 -2.15 -13.10
CA LEU D 131 -33.30 -2.27 -12.79
C LEU D 131 -32.70 -0.90 -12.45
N THR D 132 -31.92 -0.81 -11.38
CA THR D 132 -31.18 0.41 -10.97
C THR D 132 -29.95 0.53 -11.88
N PHE D 133 -29.23 1.65 -11.84
CA PHE D 133 -27.90 1.81 -12.49
C PHE D 133 -26.88 0.94 -11.73
N GLU D 134 -26.82 1.11 -10.42
CA GLU D 134 -26.04 0.29 -9.46
C GLU D 134 -26.10 -1.16 -9.93
N GLU D 135 -27.31 -1.69 -10.08
CA GLU D 135 -27.53 -3.13 -10.39
C GLU D 135 -26.96 -3.47 -11.78
N TYR D 136 -27.03 -2.54 -12.72
CA TYR D 136 -26.42 -2.67 -14.06
C TYR D 136 -24.89 -2.69 -13.85
N THR D 137 -24.30 -1.66 -13.21
CA THR D 137 -22.82 -1.51 -13.17
C THR D 137 -22.25 -2.74 -12.46
N ILE D 138 -22.87 -3.18 -11.38
CA ILE D 138 -22.39 -4.39 -10.66
C ILE D 138 -22.56 -5.63 -11.54
N MET D 139 -23.76 -5.89 -12.00
CA MET D 139 -24.01 -7.03 -12.90
C MET D 139 -23.06 -6.97 -14.11
N LYS D 140 -22.75 -5.78 -14.62
CA LYS D 140 -21.76 -5.64 -15.73
C LYS D 140 -20.44 -6.23 -15.22
N VAL D 141 -19.89 -5.71 -14.13
CA VAL D 141 -18.63 -6.22 -13.54
C VAL D 141 -18.74 -7.75 -13.47
N LEU D 142 -19.80 -8.27 -12.87
CA LEU D 142 -19.96 -9.73 -12.68
C LEU D 142 -19.85 -10.45 -14.04
N LEU D 143 -20.49 -9.95 -15.09
CA LEU D 143 -20.38 -10.55 -16.46
C LEU D 143 -18.92 -10.55 -16.91
N LEU D 144 -18.23 -9.41 -16.74
CA LEU D 144 -16.77 -9.23 -16.98
C LEU D 144 -16.01 -10.38 -16.32
N LEU D 145 -16.46 -10.84 -15.15
CA LEU D 145 -15.81 -11.92 -14.37
C LEU D 145 -16.56 -13.26 -14.46
N SER D 146 -17.44 -13.48 -15.44
CA SER D 146 -18.30 -14.71 -15.45
C SER D 146 -17.83 -15.67 -16.51
N THR D 147 -17.03 -15.17 -17.46
CA THR D 147 -16.49 -15.97 -18.58
C THR D 147 -14.98 -16.01 -18.45
N ILE D 148 -14.44 -17.22 -18.28
CA ILE D 148 -12.98 -17.54 -18.18
C ILE D 148 -12.67 -18.76 -19.06
N PRO D 149 -11.38 -19.01 -19.39
CA PRO D 149 -11.00 -20.19 -20.15
C PRO D 149 -11.03 -21.42 -19.24
N LYS D 150 -11.43 -22.59 -19.75
CA LYS D 150 -11.55 -23.86 -18.95
C LYS D 150 -10.18 -24.20 -18.35
N ASP D 151 -9.10 -23.72 -18.97
CA ASP D 151 -7.69 -23.91 -18.53
C ASP D 151 -7.55 -23.26 -17.14
N GLY D 152 -8.23 -22.10 -16.97
CA GLY D 152 -8.05 -21.18 -15.84
C GLY D 152 -7.19 -20.00 -16.26
N LEU D 153 -7.08 -19.01 -15.39
CA LEU D 153 -6.28 -17.77 -15.62
C LEU D 153 -4.89 -17.93 -15.00
N LYS D 154 -3.95 -17.03 -15.33
CA LYS D 154 -2.62 -16.92 -14.67
C LYS D 154 -2.78 -17.01 -13.15
N SER D 155 -3.69 -16.24 -12.54
CA SER D 155 -3.89 -16.18 -11.07
C SER D 155 -5.36 -16.47 -10.73
N GLN D 156 -5.84 -17.67 -11.03
CA GLN D 156 -7.20 -18.15 -10.67
C GLN D 156 -7.52 -17.65 -9.24
N ALA D 157 -6.58 -17.81 -8.30
CA ALA D 157 -6.71 -17.42 -6.87
C ALA D 157 -7.13 -15.96 -6.73
N ALA D 158 -6.40 -15.07 -7.39
CA ALA D 158 -6.66 -13.61 -7.41
C ALA D 158 -8.05 -13.33 -8.00
N PHE D 159 -8.31 -13.90 -9.18
CA PHE D 159 -9.60 -13.77 -9.93
C PHE D 159 -10.76 -14.19 -9.05
N GLU D 160 -10.68 -15.39 -8.47
CA GLU D 160 -11.77 -15.97 -7.63
C GLU D 160 -12.07 -15.04 -6.43
N GLU D 161 -11.08 -14.32 -5.91
CA GLU D 161 -11.32 -13.41 -4.77
C GLU D 161 -12.12 -12.23 -5.33
N MET D 162 -11.64 -11.66 -6.43
CA MET D 162 -12.29 -10.53 -7.12
C MET D 162 -13.76 -10.85 -7.39
N ARG D 163 -14.05 -11.96 -8.06
CA ARG D 163 -15.44 -12.35 -8.42
C ARG D 163 -16.26 -12.43 -7.12
N THR D 164 -15.79 -13.25 -6.19
CA THR D 164 -16.41 -13.37 -4.85
C THR D 164 -16.62 -11.94 -4.33
N ASN D 165 -15.57 -11.12 -4.20
CA ASN D 165 -15.69 -9.72 -3.71
C ASN D 165 -16.94 -9.08 -4.31
N TYR D 166 -17.11 -9.22 -5.62
CA TYR D 166 -18.21 -8.52 -6.34
C TYR D 166 -19.54 -9.22 -6.06
N ILE D 167 -19.63 -10.52 -6.27
CA ILE D 167 -20.84 -11.30 -5.88
C ILE D 167 -21.31 -10.87 -4.48
N LYS D 168 -20.41 -10.54 -3.55
CA LYS D 168 -20.78 -10.07 -2.21
C LYS D 168 -21.40 -8.68 -2.34
N GLU D 169 -20.79 -7.77 -3.11
CA GLU D 169 -21.35 -6.41 -3.33
C GLU D 169 -22.83 -6.54 -3.72
N LEU D 170 -23.16 -7.42 -4.69
CA LEU D 170 -24.56 -7.68 -5.17
C LEU D 170 -25.41 -8.05 -3.96
N ARG D 171 -25.01 -9.11 -3.28
CA ARG D 171 -25.66 -9.63 -2.03
C ARG D 171 -26.05 -8.50 -1.07
N LYS D 172 -25.09 -7.64 -0.73
CA LYS D 172 -25.23 -6.46 0.16
C LYS D 172 -26.16 -5.43 -0.47
N MET D 173 -25.98 -5.23 -1.77
CA MET D 173 -26.67 -4.19 -2.56
C MET D 173 -28.15 -4.53 -2.79
N VAL D 174 -28.59 -5.76 -2.52
CA VAL D 174 -30.03 -6.19 -2.64
C VAL D 174 -30.56 -6.54 -1.25
N THR D 175 -29.81 -6.23 -0.19
CA THR D 175 -30.39 -6.09 1.17
C THR D 175 -30.46 -4.58 1.41
N LYS D 176 -30.84 -3.85 0.37
CA LYS D 176 -31.08 -2.39 0.43
C LYS D 176 -31.93 -1.88 -0.75
N SER D 177 -32.09 -2.59 -1.88
CA SER D 177 -32.79 -2.06 -3.08
C SER D 177 -33.74 -3.06 -3.73
N PRO D 178 -34.21 -4.08 -2.95
CA PRO D 178 -35.16 -5.06 -3.48
C PRO D 178 -36.58 -4.55 -3.85
N ASN D 179 -37.51 -5.50 -4.07
CA ASN D 179 -39.00 -5.43 -3.93
C ASN D 179 -39.62 -6.78 -4.31
N GLY D 182 -41.67 -9.13 -1.53
CA GLY D 182 -40.83 -7.99 -1.93
C GLY D 182 -39.52 -7.94 -1.15
N GLN D 183 -38.94 -9.11 -0.91
CA GLN D 183 -37.78 -9.30 0.00
C GLN D 183 -36.45 -9.35 -0.79
N SER D 184 -35.33 -9.38 -0.08
CA SER D 184 -33.95 -9.33 -0.61
C SER D 184 -33.62 -10.58 -1.41
N TRP D 185 -33.90 -11.74 -0.83
CA TRP D 185 -33.58 -13.06 -1.43
C TRP D 185 -34.25 -13.21 -2.79
N GLN D 186 -35.42 -12.64 -2.96
CA GLN D 186 -36.14 -12.66 -4.26
C GLN D 186 -35.28 -11.87 -5.24
N ARG D 187 -34.89 -10.65 -4.89
CA ARG D 187 -34.26 -9.76 -5.88
C ARG D 187 -33.02 -10.43 -6.42
N PHE D 188 -32.34 -11.14 -5.52
CA PHE D 188 -31.04 -11.80 -5.79
C PHE D 188 -31.21 -12.92 -6.80
N TYR D 189 -32.16 -13.82 -6.53
CA TYR D 189 -32.59 -14.94 -7.42
C TYR D 189 -32.80 -14.42 -8.87
N GLN D 190 -33.42 -13.25 -9.04
CA GLN D 190 -33.80 -12.69 -10.36
C GLN D 190 -32.55 -12.13 -11.04
N LEU D 191 -31.84 -11.20 -10.39
CA LEU D 191 -30.62 -10.53 -10.94
C LEU D 191 -29.60 -11.60 -11.34
N THR D 192 -29.44 -12.64 -10.52
CA THR D 192 -28.49 -13.76 -10.75
C THR D 192 -28.93 -14.53 -11.99
N LYS D 193 -30.16 -15.04 -11.99
CA LYS D 193 -30.75 -15.86 -13.10
C LYS D 193 -30.73 -15.04 -14.39
N LEU D 194 -30.86 -13.72 -14.30
CA LEU D 194 -30.77 -12.81 -15.48
C LEU D 194 -29.34 -12.87 -16.01
N LEU D 195 -28.32 -12.75 -15.14
CA LEU D 195 -26.89 -12.79 -15.54
C LEU D 195 -26.61 -14.13 -16.24
N ASP D 196 -27.20 -15.22 -15.75
CA ASP D 196 -27.05 -16.57 -16.34
C ASP D 196 -27.64 -16.55 -17.75
N SER D 197 -28.93 -16.27 -17.87
CA SER D 197 -29.65 -16.16 -19.17
C SER D 197 -28.84 -15.27 -20.14
N MET D 198 -28.02 -14.33 -19.65
CA MET D 198 -27.15 -13.48 -20.51
C MET D 198 -26.14 -14.35 -21.24
N HIS D 199 -25.70 -15.46 -20.63
CA HIS D 199 -24.73 -16.42 -21.24
C HIS D 199 -25.48 -17.27 -22.27
N ASP D 200 -26.68 -17.74 -21.92
CA ASP D 200 -27.56 -18.56 -22.79
C ASP D 200 -27.87 -17.79 -24.08
N LEU D 201 -28.26 -16.51 -23.99
CA LEU D 201 -28.57 -15.62 -25.15
C LEU D 201 -27.41 -15.69 -26.16
N VAL D 202 -26.17 -15.66 -25.66
CA VAL D 202 -24.95 -15.53 -26.49
C VAL D 202 -24.28 -16.91 -26.63
N SER D 203 -25.00 -17.98 -26.25
CA SER D 203 -24.50 -19.37 -26.01
C SER D 203 -23.70 -19.93 -27.19
N ASP D 204 -24.21 -19.75 -28.41
CA ASP D 204 -23.70 -20.44 -29.62
C ASP D 204 -22.99 -19.46 -30.56
N LEU D 205 -22.83 -18.20 -30.11
CA LEU D 205 -22.41 -17.07 -30.97
C LEU D 205 -20.99 -16.63 -30.56
N LEU D 206 -20.25 -17.45 -29.77
CA LEU D 206 -18.88 -17.13 -29.28
C LEU D 206 -17.83 -17.60 -30.29
N GLU D 207 -18.02 -18.79 -30.87
CA GLU D 207 -17.26 -19.26 -32.07
C GLU D 207 -17.43 -18.25 -33.20
N PHE D 208 -18.68 -17.84 -33.49
CA PHE D 208 -19.07 -16.91 -34.59
C PHE D 208 -18.47 -15.51 -34.36
N CYS D 209 -18.00 -15.23 -33.14
CA CYS D 209 -17.22 -14.01 -32.79
C CYS D 209 -15.72 -14.24 -32.96
N PHE D 210 -15.19 -15.37 -32.46
CA PHE D 210 -13.76 -15.79 -32.60
C PHE D 210 -13.28 -15.59 -34.05
N TYR D 211 -14.18 -15.52 -35.06
CA TYR D 211 -13.87 -14.97 -36.41
C TYR D 211 -13.49 -13.48 -36.31
N THR D 212 -14.45 -12.61 -35.91
CA THR D 212 -14.34 -11.13 -35.82
C THR D 212 -13.33 -10.71 -34.73
N PHE D 213 -12.93 -11.64 -33.84
CA PHE D 213 -11.99 -11.39 -32.70
C PHE D 213 -10.53 -11.50 -33.19
N PRO D 224 -8.18 -4.59 -31.90
CA PRO D 224 -7.40 -5.66 -31.28
C PRO D 224 -6.03 -5.11 -30.82
N ALA D 225 -5.10 -4.85 -31.76
CA ALA D 225 -3.87 -4.09 -31.50
C ALA D 225 -4.23 -2.72 -30.92
N MET D 226 -5.51 -2.32 -31.09
CA MET D 226 -6.05 -1.03 -30.59
C MET D 226 -6.06 -1.06 -29.05
N LEU D 227 -6.89 -1.93 -28.47
CA LEU D 227 -7.19 -1.99 -27.00
C LEU D 227 -5.92 -2.38 -26.24
N VAL D 228 -5.19 -3.41 -26.71
CA VAL D 228 -3.95 -3.92 -26.04
C VAL D 228 -3.09 -2.69 -25.68
N GLU D 229 -3.10 -1.66 -26.55
CA GLU D 229 -2.41 -0.35 -26.35
C GLU D 229 -2.97 0.33 -25.09
N ILE D 230 -4.29 0.42 -24.96
CA ILE D 230 -4.95 1.23 -23.89
C ILE D 230 -4.93 0.48 -22.55
N ILE D 231 -4.98 -0.85 -22.56
CA ILE D 231 -4.93 -1.67 -21.31
C ILE D 231 -3.56 -1.53 -20.65
N SER D 232 -2.49 -1.90 -21.37
CA SER D 232 -1.10 -1.87 -20.84
C SER D 232 -0.64 -0.42 -20.68
N ASP D 233 -1.24 0.54 -21.41
CA ASP D 233 -0.96 2.00 -21.42
C ASP D 233 -0.43 2.49 -20.06
N GLN D 234 -1.27 2.37 -19.01
CA GLN D 234 -1.06 3.04 -17.72
C GLN D 234 -0.21 2.17 -16.80
N LEU D 235 -0.20 0.86 -17.06
CA LEU D 235 0.36 -0.18 -16.15
C LEU D 235 1.88 -0.38 -16.33
N PRO D 236 2.54 -0.05 -17.48
CA PRO D 236 3.94 -0.42 -17.71
C PRO D 236 5.05 0.38 -17.02
N LYS D 237 4.81 1.63 -16.65
CA LYS D 237 5.79 2.41 -15.87
C LYS D 237 7.07 2.59 -16.70
N VAL D 238 7.03 3.42 -17.75
CA VAL D 238 8.24 3.91 -18.48
C VAL D 238 9.06 4.75 -17.51
N GLY D 241 15.77 8.82 -18.17
CA GLY D 241 15.85 9.68 -16.99
C GLY D 241 15.85 8.90 -15.68
N ASN D 242 14.75 8.18 -15.40
CA ASN D 242 14.53 7.36 -14.17
C ASN D 242 15.39 6.08 -14.18
N ALA D 243 15.88 5.65 -15.35
CA ALA D 243 16.56 4.35 -15.57
C ALA D 243 17.75 4.15 -14.63
N LYS D 244 17.78 2.99 -13.94
CA LYS D 244 18.92 2.50 -13.12
C LYS D 244 19.62 1.38 -13.86
N PRO D 245 20.81 1.63 -14.44
CA PRO D 245 21.61 0.59 -15.06
C PRO D 245 22.38 -0.15 -13.97
N LEU D 246 22.62 -1.45 -14.21
CA LEU D 246 23.23 -2.37 -13.23
C LEU D 246 24.67 -2.69 -13.67
N TYR D 247 25.61 -2.26 -12.83
CA TYR D 247 27.08 -2.33 -13.06
C TYR D 247 27.66 -3.50 -12.28
N PHE D 248 28.71 -4.12 -12.83
CA PHE D 248 29.48 -5.23 -12.22
C PHE D 248 30.64 -4.67 -11.39
N HIS D 249 31.06 -3.42 -11.64
CA HIS D 249 32.15 -2.73 -10.89
C HIS D 249 31.75 -1.28 -10.54
N ARG D 250 31.78 -0.91 -9.25
CA ARG D 250 31.57 0.48 -8.75
C ARG D 250 32.93 1.05 -8.30
#